data_6UGI
# 
_entry.id   6UGI 
# 
_audit_conform.dict_name       mmcif_pdbx.dic 
_audit_conform.dict_version    5.380 
_audit_conform.dict_location   http://mmcif.pdb.org/dictionaries/ascii/mmcif_pdbx.dic 
# 
loop_
_database_2.database_id 
_database_2.database_code 
_database_2.pdbx_database_accession 
_database_2.pdbx_DOI 
PDB   6UGI         pdb_00006ugi 10.2210/pdb6ugi/pdb 
WWPDB D_1000244560 ?            ?                   
# 
_pdbx_database_status.status_code                     REL 
_pdbx_database_status.status_code_sf                  REL 
_pdbx_database_status.status_code_mr                  ? 
_pdbx_database_status.entry_id                        6UGI 
_pdbx_database_status.recvd_initial_deposition_date   2019-09-26 
_pdbx_database_status.SG_entry                        N 
_pdbx_database_status.deposit_site                    RCSB 
_pdbx_database_status.process_site                    RCSB 
_pdbx_database_status.status_code_cs                  ? 
_pdbx_database_status.methods_development_category    ? 
_pdbx_database_status.pdb_format_compatible           Y 
_pdbx_database_status.status_code_nmr_data            ? 
# 
loop_
_audit_author.name 
_audit_author.pdbx_ordinal 
_audit_author.identifier_ORCID 
'Chan, C.W.'    1 0000-0001-5472-4803 
'Mondragon, A.' 2 0000-0002-0423-6323 
# 
_citation.abstract                  ? 
_citation.abstract_id_CAS           ? 
_citation.book_id_ISBN              ? 
_citation.book_publisher            ? 
_citation.book_publisher_city       ? 
_citation.book_title                ? 
_citation.coordinate_linkage        ? 
_citation.country                   UK 
_citation.database_id_Medline       ? 
_citation.details                   ? 
_citation.id                        primary 
_citation.journal_abbrev            Rna 
_citation.journal_id_ASTM           RNARFU 
_citation.journal_id_CSD            2122 
_citation.journal_id_ISSN           1469-9001 
_citation.journal_full              ? 
_citation.journal_issue             ? 
_citation.journal_volume            26 
_citation.language                  ? 
_citation.page_first                278 
_citation.page_last                 289 
_citation.title                     
;Crystal structures of an unmodified bacterial tRNA reveal intrinsic structural flexibility and plasticity as general properties of unbound tRNAs.
;
_citation.year                      2020 
_citation.database_id_CSD           ? 
_citation.pdbx_database_id_DOI      10.1261/rna.073478.119 
_citation.pdbx_database_id_PubMed   31848215 
_citation.unpublished_flag          ? 
# 
loop_
_citation_author.citation_id 
_citation_author.name 
_citation_author.ordinal 
_citation_author.identifier_ORCID 
primary 'Chan, C.W.'    1 ? 
primary 'Badong, D.'    2 ? 
primary 'Rajan, R.'     3 ? 
primary 'Mondragon, A.' 4 ? 
# 
_cell.angle_alpha                  90.000 
_cell.angle_alpha_esd              ? 
_cell.angle_beta                   90.000 
_cell.angle_beta_esd               ? 
_cell.angle_gamma                  120.000 
_cell.angle_gamma_esd              ? 
_cell.entry_id                     6UGI 
_cell.details                      ? 
_cell.formula_units_Z              ? 
_cell.length_a                     43.519 
_cell.length_a_esd                 ? 
_cell.length_b                     43.519 
_cell.length_b_esd                 ? 
_cell.length_c                     281.795 
_cell.length_c_esd                 ? 
_cell.volume                       ? 
_cell.volume_esd                   ? 
_cell.Z_PDB                        18 
_cell.reciprocal_angle_alpha       ? 
_cell.reciprocal_angle_beta        ? 
_cell.reciprocal_angle_gamma       ? 
_cell.reciprocal_angle_alpha_esd   ? 
_cell.reciprocal_angle_beta_esd    ? 
_cell.reciprocal_angle_gamma_esd   ? 
_cell.reciprocal_length_a          ? 
_cell.reciprocal_length_b          ? 
_cell.reciprocal_length_c          ? 
_cell.reciprocal_length_a_esd      ? 
_cell.reciprocal_length_b_esd      ? 
_cell.reciprocal_length_c_esd      ? 
_cell.pdbx_unique_axis             ? 
# 
_symmetry.entry_id                         6UGI 
_symmetry.cell_setting                     ? 
_symmetry.Int_Tables_number                155 
_symmetry.space_group_name_Hall            ? 
_symmetry.space_group_name_H-M             'H 3 2' 
_symmetry.pdbx_full_space_group_name_H-M   ? 
# 
loop_
_entity.id 
_entity.type 
_entity.src_method 
_entity.pdbx_description 
_entity.formula_weight 
_entity.pdbx_number_of_molecules 
_entity.pdbx_ec 
_entity.pdbx_mutation 
_entity.pdbx_fragment 
_entity.details 
1 polymer     syn 'tRNA(Asp) acceptor stem/T stem-loop' 9989.942 1  ? ? ? ? 
2 non-polymer syn 'SULFATE ION'                         96.063   1  ? ? ? ? 
3 water       nat water                                 18.015   70 ? ? ? ? 
# 
_entity_poly.entity_id                      1 
_entity_poly.type                           polyribonucleotide 
_entity_poly.nstd_linkage                   no 
_entity_poly.nstd_monomer                   no 
_entity_poly.pdbx_seq_one_letter_code       GGAGCGGGCGGGUUCGAGUCCCGUCCGUUCC 
_entity_poly.pdbx_seq_one_letter_code_can   GGAGCGGGCGGGUUCGAGUCCCGUCCGUUCC 
_entity_poly.pdbx_strand_id                 A 
_entity_poly.pdbx_target_identifier         ? 
# 
loop_
_entity_poly_seq.entity_id 
_entity_poly_seq.num 
_entity_poly_seq.mon_id 
_entity_poly_seq.hetero 
1 1  G n 
1 2  G n 
1 3  A n 
1 4  G n 
1 5  C n 
1 6  G n 
1 7  G n 
1 8  G n 
1 9  C n 
1 10 G n 
1 11 G n 
1 12 G n 
1 13 U n 
1 14 U n 
1 15 C n 
1 16 G n 
1 17 A n 
1 18 G n 
1 19 U n 
1 20 C n 
1 21 C n 
1 22 C n 
1 23 G n 
1 24 U n 
1 25 C n 
1 26 C n 
1 27 G n 
1 28 U n 
1 29 U n 
1 30 C n 
1 31 C n 
# 
_pdbx_entity_src_syn.entity_id              1 
_pdbx_entity_src_syn.pdbx_src_id            1 
_pdbx_entity_src_syn.pdbx_alt_source_flag   sample 
_pdbx_entity_src_syn.pdbx_beg_seq_num       1 
_pdbx_entity_src_syn.pdbx_end_seq_num       31 
_pdbx_entity_src_syn.organism_scientific    'Escherichia coli' 
_pdbx_entity_src_syn.organism_common_name   ? 
_pdbx_entity_src_syn.ncbi_taxonomy_id       562 
_pdbx_entity_src_syn.details                ? 
# 
_struct_ref.id                         1 
_struct_ref.db_name                    PDB 
_struct_ref.db_code                    6UGI 
_struct_ref.pdbx_db_accession          6UGI 
_struct_ref.pdbx_db_isoform            ? 
_struct_ref.entity_id                  1 
_struct_ref.pdbx_seq_one_letter_code   ? 
_struct_ref.pdbx_align_begin           1 
# 
_struct_ref_seq.align_id                      1 
_struct_ref_seq.ref_id                        1 
_struct_ref_seq.pdbx_PDB_id_code              6UGI 
_struct_ref_seq.pdbx_strand_id                A 
_struct_ref_seq.seq_align_beg                 1 
_struct_ref_seq.pdbx_seq_align_beg_ins_code   ? 
_struct_ref_seq.seq_align_end                 31 
_struct_ref_seq.pdbx_seq_align_end_ins_code   ? 
_struct_ref_seq.pdbx_db_accession             6UGI 
_struct_ref_seq.db_align_beg                  1 
_struct_ref_seq.pdbx_db_align_beg_ins_code    ? 
_struct_ref_seq.db_align_end                  31 
_struct_ref_seq.pdbx_db_align_end_ins_code    ? 
_struct_ref_seq.pdbx_auth_seq_align_beg       1 
_struct_ref_seq.pdbx_auth_seq_align_end       31 
# 
loop_
_chem_comp.id 
_chem_comp.type 
_chem_comp.mon_nstd_flag 
_chem_comp.name 
_chem_comp.pdbx_synonyms 
_chem_comp.formula 
_chem_comp.formula_weight 
A   'RNA linking' y "ADENOSINE-5'-MONOPHOSPHATE" ? 'C10 H14 N5 O7 P' 347.221 
C   'RNA linking' y "CYTIDINE-5'-MONOPHOSPHATE"  ? 'C9 H14 N3 O8 P'  323.197 
G   'RNA linking' y "GUANOSINE-5'-MONOPHOSPHATE" ? 'C10 H14 N5 O8 P' 363.221 
HOH non-polymer   . WATER                        ? 'H2 O'            18.015  
SO4 non-polymer   . 'SULFATE ION'                ? 'O4 S -2'         96.063  
U   'RNA linking' y "URIDINE-5'-MONOPHOSPHATE"   ? 'C9 H13 N2 O9 P'  324.181 
# 
_exptl.absorpt_coefficient_mu     ? 
_exptl.absorpt_correction_T_max   ? 
_exptl.absorpt_correction_T_min   ? 
_exptl.absorpt_correction_type    ? 
_exptl.absorpt_process_details    ? 
_exptl.entry_id                   6UGI 
_exptl.crystals_number            1 
_exptl.details                    ? 
_exptl.method                     'X-RAY DIFFRACTION' 
_exptl.method_details             ? 
# 
_exptl_crystal.colour                      ? 
_exptl_crystal.density_diffrn              ? 
_exptl_crystal.density_Matthews            2.57 
_exptl_crystal.density_method              ? 
_exptl_crystal.density_percent_sol         52.15 
_exptl_crystal.description                 ? 
_exptl_crystal.F_000                       ? 
_exptl_crystal.id                          1 
_exptl_crystal.preparation                 ? 
_exptl_crystal.size_max                    ? 
_exptl_crystal.size_mid                    ? 
_exptl_crystal.size_min                    ? 
_exptl_crystal.size_rad                    ? 
_exptl_crystal.colour_lustre               ? 
_exptl_crystal.colour_modifier             ? 
_exptl_crystal.colour_primary              ? 
_exptl_crystal.density_meas                ? 
_exptl_crystal.density_meas_esd            ? 
_exptl_crystal.density_meas_gt             ? 
_exptl_crystal.density_meas_lt             ? 
_exptl_crystal.density_meas_temp           ? 
_exptl_crystal.density_meas_temp_esd       ? 
_exptl_crystal.density_meas_temp_gt        ? 
_exptl_crystal.density_meas_temp_lt        ? 
_exptl_crystal.pdbx_crystal_image_url      ? 
_exptl_crystal.pdbx_crystal_image_format   ? 
_exptl_crystal.pdbx_mosaicity              ? 
_exptl_crystal.pdbx_mosaicity_esd          ? 
# 
_exptl_crystal_grow.apparatus       ? 
_exptl_crystal_grow.atmosphere      ? 
_exptl_crystal_grow.crystal_id      1 
_exptl_crystal_grow.details         ? 
_exptl_crystal_grow.method          'VAPOR DIFFUSION, HANGING DROP' 
_exptl_crystal_grow.method_ref      ? 
_exptl_crystal_grow.pH              ? 
_exptl_crystal_grow.pressure        ? 
_exptl_crystal_grow.pressure_esd    ? 
_exptl_crystal_grow.seeding         ? 
_exptl_crystal_grow.seeding_ref     ? 
_exptl_crystal_grow.temp            287 
_exptl_crystal_grow.temp_details    ? 
_exptl_crystal_grow.temp_esd        ? 
_exptl_crystal_grow.time            ? 
_exptl_crystal_grow.pdbx_details    '2 M ammonium sulfate' 
_exptl_crystal_grow.pdbx_pH_range   ? 
# 
_diffrn.ambient_environment              ? 
_diffrn.ambient_temp                     100 
_diffrn.ambient_temp_details             
;flash frozen with liquid nitrogen in crystallization well solution supplemented with either increased ammonium sulfate concentration or with 20% (v/v) glycerol for cryo-protection
;
_diffrn.ambient_temp_esd                 ? 
_diffrn.crystal_id                       1 
_diffrn.crystal_support                  ? 
_diffrn.crystal_treatment                ? 
_diffrn.details                          ? 
_diffrn.id                               1 
_diffrn.ambient_pressure                 ? 
_diffrn.ambient_pressure_esd             ? 
_diffrn.ambient_pressure_gt              ? 
_diffrn.ambient_pressure_lt              ? 
_diffrn.ambient_temp_gt                  ? 
_diffrn.ambient_temp_lt                  ? 
_diffrn.pdbx_serial_crystal_experiment   N 
# 
_diffrn_detector.details                      Monochromator 
_diffrn_detector.detector                     PIXEL 
_diffrn_detector.diffrn_id                    1 
_diffrn_detector.type                         'DECTRIS EIGER X 9M' 
_diffrn_detector.area_resol_mean              ? 
_diffrn_detector.dtime                        ? 
_diffrn_detector.pdbx_frames_total            ? 
_diffrn_detector.pdbx_collection_time_total   ? 
_diffrn_detector.pdbx_collection_date         2018-11-15 
_diffrn_detector.pdbx_frequency               ? 
# 
_diffrn_radiation.collimation                      ? 
_diffrn_radiation.diffrn_id                        1 
_diffrn_radiation.filter_edge                      ? 
_diffrn_radiation.inhomogeneity                    ? 
_diffrn_radiation.monochromator                    'Si(111)' 
_diffrn_radiation.polarisn_norm                    ? 
_diffrn_radiation.polarisn_ratio                   ? 
_diffrn_radiation.probe                            ? 
_diffrn_radiation.type                             ? 
_diffrn_radiation.xray_symbol                      ? 
_diffrn_radiation.wavelength_id                    1 
_diffrn_radiation.pdbx_monochromatic_or_laue_m_l   M 
_diffrn_radiation.pdbx_wavelength_list             ? 
_diffrn_radiation.pdbx_wavelength                  ? 
_diffrn_radiation.pdbx_diffrn_protocol             'SINGLE WAVELENGTH' 
_diffrn_radiation.pdbx_analyzer                    ? 
_diffrn_radiation.pdbx_scattering_type             x-ray 
# 
_diffrn_radiation_wavelength.id           1 
_diffrn_radiation_wavelength.wavelength   1.12720 
_diffrn_radiation_wavelength.wt           1.0 
# 
_diffrn_source.current                     ? 
_diffrn_source.details                     ? 
_diffrn_source.diffrn_id                   1 
_diffrn_source.power                       ? 
_diffrn_source.size                        ? 
_diffrn_source.source                      SYNCHROTRON 
_diffrn_source.target                      ? 
_diffrn_source.type                        'APS BEAMLINE 21-ID-D' 
_diffrn_source.voltage                     ? 
_diffrn_source.take-off_angle              ? 
_diffrn_source.pdbx_wavelength_list        1.12720 
_diffrn_source.pdbx_wavelength             ? 
_diffrn_source.pdbx_synchrotron_beamline   21-ID-D 
_diffrn_source.pdbx_synchrotron_site       APS 
# 
_reflns.B_iso_Wilson_estimate            ? 
_reflns.entry_id                         6UGI 
_reflns.data_reduction_details           ? 
_reflns.data_reduction_method            ? 
_reflns.d_resolution_high                1.75 
_reflns.d_resolution_low                 37.38 
_reflns.details                          ? 
_reflns.limit_h_max                      ? 
_reflns.limit_h_min                      ? 
_reflns.limit_k_max                      ? 
_reflns.limit_k_min                      ? 
_reflns.limit_l_max                      ? 
_reflns.limit_l_min                      ? 
_reflns.number_all                       ? 
_reflns.number_obs                       9226 
_reflns.observed_criterion               ? 
_reflns.observed_criterion_F_max         ? 
_reflns.observed_criterion_F_min         ? 
_reflns.observed_criterion_I_max         ? 
_reflns.observed_criterion_I_min         ? 
_reflns.observed_criterion_sigma_F       ? 
_reflns.observed_criterion_sigma_I       ? 
_reflns.percent_possible_obs             89 
_reflns.R_free_details                   ? 
_reflns.Rmerge_F_all                     ? 
_reflns.Rmerge_F_obs                     ? 
_reflns.Friedel_coverage                 ? 
_reflns.number_gt                        ? 
_reflns.threshold_expression             ? 
_reflns.pdbx_redundancy                  8.1 
_reflns.pdbx_Rmerge_I_obs                0.118 
_reflns.pdbx_Rmerge_I_all                ? 
_reflns.pdbx_Rsym_value                  ? 
_reflns.pdbx_netI_over_av_sigmaI         ? 
_reflns.pdbx_netI_over_sigmaI            8.2 
_reflns.pdbx_res_netI_over_av_sigmaI_2   ? 
_reflns.pdbx_res_netI_over_sigmaI_2      ? 
_reflns.pdbx_chi_squared                 ? 
_reflns.pdbx_scaling_rejects             ? 
_reflns.pdbx_d_res_high_opt              ? 
_reflns.pdbx_d_res_low_opt               ? 
_reflns.pdbx_d_res_opt_method            ? 
_reflns.phase_calculation_details        ? 
_reflns.pdbx_Rrim_I_all                  0.126 
_reflns.pdbx_Rpim_I_all                  0.045 
_reflns.pdbx_d_opt                       ? 
_reflns.pdbx_number_measured_all         ? 
_reflns.pdbx_diffrn_id                   1 
_reflns.pdbx_ordinal                     1 
_reflns.pdbx_CC_half                     0.997 
_reflns.pdbx_R_split                     ? 
# 
_reflns_shell.d_res_high                  1.754 
_reflns_shell.d_res_low                   1.872 
_reflns_shell.meanI_over_sigI_all         ? 
_reflns_shell.meanI_over_sigI_obs         ? 
_reflns_shell.number_measured_all         ? 
_reflns_shell.number_measured_obs         ? 
_reflns_shell.number_possible             ? 
_reflns_shell.number_unique_all           ? 
_reflns_shell.number_unique_obs           3401 
_reflns_shell.percent_possible_all        34.9 
_reflns_shell.percent_possible_obs        ? 
_reflns_shell.Rmerge_F_all                ? 
_reflns_shell.Rmerge_F_obs                ? 
_reflns_shell.Rmerge_I_all                ? 
_reflns_shell.Rmerge_I_obs                1.257 
_reflns_shell.meanI_over_sigI_gt          ? 
_reflns_shell.meanI_over_uI_all           ? 
_reflns_shell.meanI_over_uI_gt            ? 
_reflns_shell.number_measured_gt          ? 
_reflns_shell.number_unique_gt            ? 
_reflns_shell.percent_possible_gt         ? 
_reflns_shell.Rmerge_F_gt                 ? 
_reflns_shell.Rmerge_I_gt                 ? 
_reflns_shell.pdbx_redundancy             7.4 
_reflns_shell.pdbx_Rsym_value             ? 
_reflns_shell.pdbx_chi_squared            ? 
_reflns_shell.pdbx_netI_over_sigmaI_all   ? 
_reflns_shell.pdbx_netI_over_sigmaI_obs   ? 
_reflns_shell.pdbx_Rrim_I_all             1.354 
_reflns_shell.pdbx_Rpim_I_all             0.494 
_reflns_shell.pdbx_rejects                ? 
_reflns_shell.pdbx_ordinal                1 
_reflns_shell.pdbx_diffrn_id              1 
_reflns_shell.pdbx_CC_half                0.683 
_reflns_shell.pdbx_R_split                ? 
# 
_refine.aniso_B[1][1]                            -0.1300 
_refine.aniso_B[1][2]                            -0.0700 
_refine.aniso_B[1][3]                            0.0000 
_refine.aniso_B[2][2]                            -0.1300 
_refine.aniso_B[2][3]                            0.0000 
_refine.aniso_B[3][3]                            0.4300 
_refine.B_iso_max                                126.840 
_refine.B_iso_mean                               33.0090 
_refine.B_iso_min                                17.780 
_refine.correlation_coeff_Fo_to_Fc               0.9480 
_refine.correlation_coeff_Fo_to_Fc_free          0.9420 
_refine.details                                  
'HYDROGENS HAVE BEEN ADDED IN THE RIDING POSITIONS U VALUES      : REFINED INDIVIDUALLY' 
_refine.diff_density_max                         ? 
_refine.diff_density_max_esd                     ? 
_refine.diff_density_min                         ? 
_refine.diff_density_min_esd                     ? 
_refine.diff_density_rms                         ? 
_refine.diff_density_rms_esd                     ? 
_refine.entry_id                                 6UGI 
_refine.pdbx_refine_id                           'X-RAY DIFFRACTION' 
_refine.ls_abs_structure_details                 ? 
_refine.ls_abs_structure_Flack                   ? 
_refine.ls_abs_structure_Flack_esd               ? 
_refine.ls_abs_structure_Rogers                  ? 
_refine.ls_abs_structure_Rogers_esd              ? 
_refine.ls_d_res_high                            1.7500 
_refine.ls_d_res_low                             37.3800 
_refine.ls_extinction_coef                       ? 
_refine.ls_extinction_coef_esd                   ? 
_refine.ls_extinction_expression                 ? 
_refine.ls_extinction_method                     ? 
_refine.ls_goodness_of_fit_all                   ? 
_refine.ls_goodness_of_fit_all_esd               ? 
_refine.ls_goodness_of_fit_obs                   ? 
_refine.ls_goodness_of_fit_obs_esd               ? 
_refine.ls_hydrogen_treatment                    ? 
_refine.ls_matrix_type                           ? 
_refine.ls_number_constraints                    ? 
_refine.ls_number_parameters                     ? 
_refine.ls_number_reflns_all                     ? 
_refine.ls_number_reflns_obs                     8709 
_refine.ls_number_reflns_R_free                  474 
_refine.ls_number_reflns_R_work                  ? 
_refine.ls_number_restraints                     ? 
_refine.ls_percent_reflns_obs                    84.1000 
_refine.ls_percent_reflns_R_free                 5.2000 
_refine.ls_R_factor_all                          ? 
_refine.ls_R_factor_obs                          0.2320 
_refine.ls_R_factor_R_free                       0.2556 
_refine.ls_R_factor_R_free_error                 ? 
_refine.ls_R_factor_R_free_error_details         ? 
_refine.ls_R_factor_R_work                       0.2308 
_refine.ls_R_Fsqd_factor_obs                     ? 
_refine.ls_R_I_factor_obs                        ? 
_refine.ls_redundancy_reflns_all                 ? 
_refine.ls_redundancy_reflns_obs                 ? 
_refine.ls_restrained_S_all                      ? 
_refine.ls_restrained_S_obs                      ? 
_refine.ls_shift_over_esd_max                    ? 
_refine.ls_shift_over_esd_mean                   ? 
_refine.ls_structure_factor_coef                 ? 
_refine.ls_weighting_details                     ? 
_refine.ls_weighting_scheme                      ? 
_refine.ls_wR_factor_all                         ? 
_refine.ls_wR_factor_obs                         ? 
_refine.ls_wR_factor_R_free                      ? 
_refine.ls_wR_factor_R_work                      ? 
_refine.occupancy_max                            ? 
_refine.occupancy_min                            ? 
_refine.solvent_model_details                    ? 
_refine.solvent_model_param_bsol                 ? 
_refine.solvent_model_param_ksol                 ? 
_refine.ls_R_factor_gt                           ? 
_refine.ls_goodness_of_fit_gt                    ? 
_refine.ls_goodness_of_fit_ref                   ? 
_refine.ls_shift_over_su_max                     ? 
_refine.ls_shift_over_su_max_lt                  ? 
_refine.ls_shift_over_su_mean                    ? 
_refine.ls_shift_over_su_mean_lt                 ? 
_refine.pdbx_ls_sigma_I                          ? 
_refine.pdbx_ls_sigma_F                          0.000 
_refine.pdbx_ls_sigma_Fsqd                       ? 
_refine.pdbx_data_cutoff_high_absF               ? 
_refine.pdbx_data_cutoff_high_rms_absF           ? 
_refine.pdbx_data_cutoff_low_absF                ? 
_refine.pdbx_isotropic_thermal_model             ? 
_refine.pdbx_ls_cross_valid_method               THROUGHOUT 
_refine.pdbx_method_to_determine_struct          'MOLECULAR REPLACEMENT' 
_refine.pdbx_starting_model                      'PDB entry 6UGJ' 
_refine.pdbx_stereochemistry_target_values       ? 
_refine.pdbx_R_Free_selection_details            RANDOM 
_refine.pdbx_stereochem_target_val_spec_case     ? 
_refine.pdbx_overall_ESU_R                       0.1560 
_refine.pdbx_overall_ESU_R_Free                  0.1410 
_refine.pdbx_solvent_vdw_probe_radii             1.2000 
_refine.pdbx_solvent_ion_probe_radii             0.8000 
_refine.pdbx_solvent_shrinkage_radii             0.8000 
_refine.pdbx_real_space_R                        ? 
_refine.pdbx_density_correlation                 ? 
_refine.pdbx_pd_number_of_powder_patterns        ? 
_refine.pdbx_pd_number_of_points                 ? 
_refine.pdbx_pd_meas_number_of_points            ? 
_refine.pdbx_pd_proc_ls_prof_R_factor            ? 
_refine.pdbx_pd_proc_ls_prof_wR_factor           ? 
_refine.pdbx_pd_Marquardt_correlation_coeff      ? 
_refine.pdbx_pd_Fsqrd_R_factor                   ? 
_refine.pdbx_pd_ls_matrix_band_width             ? 
_refine.pdbx_overall_phase_error                 ? 
_refine.pdbx_overall_SU_R_free_Cruickshank_DPI   ? 
_refine.pdbx_overall_SU_R_free_Blow_DPI          ? 
_refine.pdbx_overall_SU_R_Blow_DPI               ? 
_refine.pdbx_TLS_residual_ADP_flag               ? 
_refine.pdbx_diffrn_id                           1 
_refine.overall_SU_B                             3.0660 
_refine.overall_SU_ML                            0.0910 
_refine.overall_SU_R_Cruickshank_DPI             ? 
_refine.overall_SU_R_free                        ? 
_refine.overall_FOM_free_R_set                   ? 
_refine.overall_FOM_work_R_set                   ? 
_refine.pdbx_average_fsc_overall                 ? 
_refine.pdbx_average_fsc_work                    ? 
_refine.pdbx_average_fsc_free                    ? 
# 
_refine_hist.pdbx_refine_id                   'X-RAY DIFFRACTION' 
_refine_hist.cycle_id                         final 
_refine_hist.details                          ? 
_refine_hist.d_res_high                       1.7500 
_refine_hist.d_res_low                        37.3800 
_refine_hist.number_atoms_solvent             70 
_refine_hist.number_atoms_total               739 
_refine_hist.number_reflns_all                ? 
_refine_hist.number_reflns_obs                ? 
_refine_hist.number_reflns_R_free             ? 
_refine_hist.number_reflns_R_work             ? 
_refine_hist.R_factor_all                     ? 
_refine_hist.R_factor_obs                     ? 
_refine_hist.R_factor_R_free                  ? 
_refine_hist.R_factor_R_work                  ? 
_refine_hist.pdbx_number_residues_total       31 
_refine_hist.pdbx_B_iso_mean_ligand           36.86 
_refine_hist.pdbx_B_iso_mean_solvent          36.26 
_refine_hist.pdbx_number_atoms_protein        0 
_refine_hist.pdbx_number_atoms_nucleic_acid   664 
_refine_hist.pdbx_number_atoms_ligand         5 
_refine_hist.pdbx_number_atoms_lipid          ? 
_refine_hist.pdbx_number_atoms_carb           ? 
_refine_hist.pdbx_pseudo_atom_details         ? 
# 
loop_
_refine_ls_restr.pdbx_refine_id 
_refine_ls_restr.criterion 
_refine_ls_restr.dev_ideal 
_refine_ls_restr.dev_ideal_target 
_refine_ls_restr.number 
_refine_ls_restr.rejects 
_refine_ls_restr.type 
_refine_ls_restr.weight 
_refine_ls_restr.pdbx_restraint_function 
'X-RAY DIFFRACTION' ? 0.010 0.011 744  ? r_bond_refined_d     ? ? 
'X-RAY DIFFRACTION' ? 0.003 0.020 304  ? r_bond_other_d       ? ? 
'X-RAY DIFFRACTION' ? 1.913 1.279 1160 ? r_angle_refined_deg  ? ? 
'X-RAY DIFFRACTION' ? 1.605 3.000 738  ? r_angle_other_deg    ? ? 
'X-RAY DIFFRACTION' ? 0.080 0.200 124  ? r_chiral_restr       ? ? 
'X-RAY DIFFRACTION' ? 0.019 0.020 372  ? r_gen_planes_refined ? ? 
'X-RAY DIFFRACTION' ? 0.002 0.020 168  ? r_gen_planes_other   ? ? 
# 
_refine_ls_shell.pdbx_refine_id                   'X-RAY DIFFRACTION' 
_refine_ls_shell.d_res_high                       1.7520 
_refine_ls_shell.d_res_low                        1.7980 
_refine_ls_shell.number_reflns_all                57 
_refine_ls_shell.number_reflns_obs                ? 
_refine_ls_shell.number_reflns_R_free             5 
_refine_ls_shell.number_reflns_R_work             52 
_refine_ls_shell.percent_reflns_obs               7.1400 
_refine_ls_shell.percent_reflns_R_free            ? 
_refine_ls_shell.R_factor_all                     ? 
_refine_ls_shell.R_factor_obs                     ? 
_refine_ls_shell.R_factor_R_free                  0.1990 
_refine_ls_shell.R_factor_R_free_error            0.0000 
_refine_ls_shell.R_factor_R_work                  0.4050 
_refine_ls_shell.redundancy_reflns_all            ? 
_refine_ls_shell.redundancy_reflns_obs            ? 
_refine_ls_shell.wR_factor_all                    ? 
_refine_ls_shell.wR_factor_obs                    ? 
_refine_ls_shell.wR_factor_R_free                 ? 
_refine_ls_shell.wR_factor_R_work                 ? 
_refine_ls_shell.pdbx_total_number_of_bins_used   20 
_refine_ls_shell.pdbx_phase_error                 ? 
_refine_ls_shell.pdbx_fsc_work                    ? 
_refine_ls_shell.pdbx_fsc_free                    ? 
# 
_struct.entry_id                     6UGI 
_struct.title                        
'Crystal structure of a fragment of E. coli tRNA(Asp) consisting of its acceptor stem/T stem-loop. Long unit cell.' 
_struct.pdbx_model_details           ? 
_struct.pdbx_formula_weight          ? 
_struct.pdbx_formula_weight_method   ? 
_struct.pdbx_model_type_details      ? 
_struct.pdbx_CASP_flag               N 
# 
_struct_keywords.entry_id        6UGI 
_struct_keywords.text            'tRNA RNA unmodified T-loop acceptor stem, RNA' 
_struct_keywords.pdbx_keywords   RNA 
# 
loop_
_struct_asym.id 
_struct_asym.pdbx_blank_PDB_chainid_flag 
_struct_asym.pdbx_modified 
_struct_asym.entity_id 
_struct_asym.details 
A N N 1 ? 
B N N 2 ? 
C N N 3 ? 
# 
loop_
_struct_conn.id 
_struct_conn.conn_type_id 
_struct_conn.pdbx_leaving_atom_flag 
_struct_conn.pdbx_PDB_id 
_struct_conn.ptnr1_label_asym_id 
_struct_conn.ptnr1_label_comp_id 
_struct_conn.ptnr1_label_seq_id 
_struct_conn.ptnr1_label_atom_id 
_struct_conn.pdbx_ptnr1_label_alt_id 
_struct_conn.pdbx_ptnr1_PDB_ins_code 
_struct_conn.pdbx_ptnr1_standard_comp_id 
_struct_conn.ptnr1_symmetry 
_struct_conn.ptnr2_label_asym_id 
_struct_conn.ptnr2_label_comp_id 
_struct_conn.ptnr2_label_seq_id 
_struct_conn.ptnr2_label_atom_id 
_struct_conn.pdbx_ptnr2_label_alt_id 
_struct_conn.pdbx_ptnr2_PDB_ins_code 
_struct_conn.ptnr1_auth_asym_id 
_struct_conn.ptnr1_auth_comp_id 
_struct_conn.ptnr1_auth_seq_id 
_struct_conn.ptnr2_auth_asym_id 
_struct_conn.ptnr2_auth_comp_id 
_struct_conn.ptnr2_auth_seq_id 
_struct_conn.ptnr2_symmetry 
_struct_conn.pdbx_ptnr3_label_atom_id 
_struct_conn.pdbx_ptnr3_label_seq_id 
_struct_conn.pdbx_ptnr3_label_comp_id 
_struct_conn.pdbx_ptnr3_label_asym_id 
_struct_conn.pdbx_ptnr3_label_alt_id 
_struct_conn.pdbx_ptnr3_PDB_ins_code 
_struct_conn.details 
_struct_conn.pdbx_dist_value 
_struct_conn.pdbx_value_order 
_struct_conn.pdbx_role 
hydrog1  hydrog ? ? A G 1  N1 ? ? ? 1_555 A C 31 N3 ? ? A G 1  A C 31 1_555 ? ? ? ? ? ? WATSON-CRICK         ? ? ? 
hydrog2  hydrog ? ? A G 1  N2 ? ? ? 1_555 A C 31 O2 ? ? A G 1  A C 31 1_555 ? ? ? ? ? ? WATSON-CRICK         ? ? ? 
hydrog3  hydrog ? ? A G 1  O6 ? ? ? 1_555 A C 31 N4 ? ? A G 1  A C 31 1_555 ? ? ? ? ? ? WATSON-CRICK         ? ? ? 
hydrog4  hydrog ? ? A G 2  N1 ? ? ? 1_555 A C 30 N3 ? ? A G 2  A C 30 1_555 ? ? ? ? ? ? WATSON-CRICK         ? ? ? 
hydrog5  hydrog ? ? A G 2  N2 ? ? ? 1_555 A C 30 O2 ? ? A G 2  A C 30 1_555 ? ? ? ? ? ? WATSON-CRICK         ? ? ? 
hydrog6  hydrog ? ? A G 2  O6 ? ? ? 1_555 A C 30 N4 ? ? A G 2  A C 30 1_555 ? ? ? ? ? ? WATSON-CRICK         ? ? ? 
hydrog7  hydrog ? ? A A 3  N1 ? ? ? 1_555 A U 29 N3 ? ? A A 3  A U 29 1_555 ? ? ? ? ? ? WATSON-CRICK         ? ? ? 
hydrog8  hydrog ? ? A A 3  N6 ? ? ? 1_555 A U 29 O4 ? ? A A 3  A U 29 1_555 ? ? ? ? ? ? WATSON-CRICK         ? ? ? 
hydrog9  hydrog ? ? A G 4  N1 ? ? ? 1_555 A U 28 O2 ? ? A G 4  A U 28 1_555 ? ? ? ? ? ? TYPE_28_PAIR         ? ? ? 
hydrog10 hydrog ? ? A G 4  O6 ? ? ? 1_555 A U 28 N3 ? ? A G 4  A U 28 1_555 ? ? ? ? ? ? TYPE_28_PAIR         ? ? ? 
hydrog11 hydrog ? ? A C 5  N3 ? ? ? 1_555 A G 27 N1 ? ? A C 5  A G 27 1_555 ? ? ? ? ? ? WATSON-CRICK         ? ? ? 
hydrog12 hydrog ? ? A C 5  N4 ? ? ? 1_555 A G 27 O6 ? ? A C 5  A G 27 1_555 ? ? ? ? ? ? WATSON-CRICK         ? ? ? 
hydrog13 hydrog ? ? A C 5  O2 ? ? ? 1_555 A G 27 N2 ? ? A C 5  A G 27 1_555 ? ? ? ? ? ? WATSON-CRICK         ? ? ? 
hydrog14 hydrog ? ? A G 6  N1 ? ? ? 1_555 A C 26 N3 ? ? A G 6  A C 26 1_555 ? ? ? ? ? ? WATSON-CRICK         ? ? ? 
hydrog15 hydrog ? ? A G 6  N2 ? ? ? 1_555 A C 26 O2 ? ? A G 6  A C 26 1_555 ? ? ? ? ? ? WATSON-CRICK         ? ? ? 
hydrog16 hydrog ? ? A G 6  O6 ? ? ? 1_555 A C 26 N4 ? ? A G 6  A C 26 1_555 ? ? ? ? ? ? WATSON-CRICK         ? ? ? 
hydrog17 hydrog ? ? A G 7  N1 ? ? ? 1_555 A C 25 N3 ? ? A G 7  A C 25 1_555 ? ? ? ? ? ? WATSON-CRICK         ? ? ? 
hydrog18 hydrog ? ? A G 7  N2 ? ? ? 1_555 A C 25 O2 ? ? A G 7  A C 25 1_555 ? ? ? ? ? ? WATSON-CRICK         ? ? ? 
hydrog19 hydrog ? ? A G 7  O6 ? ? ? 1_555 A C 25 N4 ? ? A G 7  A C 25 1_555 ? ? ? ? ? ? WATSON-CRICK         ? ? ? 
hydrog20 hydrog ? ? A G 8  N1 ? ? ? 1_555 A U 24 O2 ? ? A G 8  A U 24 1_555 ? ? ? ? ? ? TYPE_28_PAIR         ? ? ? 
hydrog21 hydrog ? ? A G 8  O6 ? ? ? 1_555 A U 24 N3 ? ? A G 8  A U 24 1_555 ? ? ? ? ? ? TYPE_28_PAIR         ? ? ? 
hydrog22 hydrog ? ? A C 9  N3 ? ? ? 1_555 A G 23 N1 ? ? A C 9  A G 23 1_555 ? ? ? ? ? ? WATSON-CRICK         ? ? ? 
hydrog23 hydrog ? ? A C 9  N4 ? ? ? 1_555 A G 23 O6 ? ? A C 9  A G 23 1_555 ? ? ? ? ? ? WATSON-CRICK         ? ? ? 
hydrog24 hydrog ? ? A C 9  O2 ? ? ? 1_555 A G 23 N2 ? ? A C 9  A G 23 1_555 ? ? ? ? ? ? WATSON-CRICK         ? ? ? 
hydrog25 hydrog ? ? A G 10 N1 ? ? ? 1_555 A C 22 N3 ? ? A G 10 A C 22 1_555 ? ? ? ? ? ? WATSON-CRICK         ? ? ? 
hydrog26 hydrog ? ? A G 10 N2 ? ? ? 1_555 A C 22 O2 ? ? A G 10 A C 22 1_555 ? ? ? ? ? ? WATSON-CRICK         ? ? ? 
hydrog27 hydrog ? ? A G 10 O6 ? ? ? 1_555 A C 22 N4 ? ? A G 10 A C 22 1_555 ? ? ? ? ? ? WATSON-CRICK         ? ? ? 
hydrog28 hydrog ? ? A G 11 N1 ? ? ? 1_555 A C 21 N3 ? ? A G 11 A C 21 1_555 ? ? ? ? ? ? WATSON-CRICK         ? ? ? 
hydrog29 hydrog ? ? A G 11 N2 ? ? ? 1_555 A C 21 O2 ? ? A G 11 A C 21 1_555 ? ? ? ? ? ? WATSON-CRICK         ? ? ? 
hydrog30 hydrog ? ? A G 11 O6 ? ? ? 1_555 A C 21 N4 ? ? A G 11 A C 21 1_555 ? ? ? ? ? ? WATSON-CRICK         ? ? ? 
hydrog31 hydrog ? ? A G 12 N1 ? ? ? 1_555 A C 20 N3 ? ? A G 12 A C 20 1_555 ? ? ? ? ? ? WATSON-CRICK         ? ? ? 
hydrog32 hydrog ? ? A G 12 N2 ? ? ? 1_555 A C 20 O2 ? ? A G 12 A C 20 1_555 ? ? ? ? ? ? WATSON-CRICK         ? ? ? 
hydrog33 hydrog ? ? A G 12 O6 ? ? ? 1_555 A C 20 N4 ? ? A G 12 A C 20 1_555 ? ? ? ? ? ? WATSON-CRICK         ? ? ? 
hydrog34 hydrog ? ? A U 13 N3 ? ? ? 1_555 A A 17 N7 ? ? A U 13 A A 17 1_555 ? ? ? ? ? ? 'REVERSED HOOGSTEEN' ? ? ? 
hydrog35 hydrog ? ? A U 13 O2 ? ? ? 1_555 A A 17 N6 ? ? A U 13 A A 17 1_555 ? ? ? ? ? ? 'REVERSED HOOGSTEEN' ? ? ? 
# 
_struct_conn_type.id          hydrog 
_struct_conn_type.criteria    ? 
_struct_conn_type.reference   ? 
# 
_struct_site.id                   AC1 
_struct_site.pdbx_evidence_code   Software 
_struct_site.pdbx_auth_asym_id    A 
_struct_site.pdbx_auth_comp_id    SO4 
_struct_site.pdbx_auth_seq_id     101 
_struct_site.pdbx_auth_ins_code   ? 
_struct_site.pdbx_num_residues    9 
_struct_site.details              'binding site for residue SO4 A 101' 
# 
loop_
_struct_site_gen.id 
_struct_site_gen.site_id 
_struct_site_gen.pdbx_num_res 
_struct_site_gen.label_comp_id 
_struct_site_gen.label_asym_id 
_struct_site_gen.label_seq_id 
_struct_site_gen.pdbx_auth_ins_code 
_struct_site_gen.auth_comp_id 
_struct_site_gen.auth_asym_id 
_struct_site_gen.auth_seq_id 
_struct_site_gen.label_atom_id 
_struct_site_gen.label_alt_id 
_struct_site_gen.symmetry 
_struct_site_gen.details 
1 AC1 9 G   A 8 ? G   A 8   . ? 3_545 ? 
2 AC1 9 G   A 8 ? G   A 8   . ? 2_445 ? 
3 AC1 9 G   A 8 ? G   A 8   . ? 1_555 ? 
4 AC1 9 C   A 9 ? C   A 9   . ? 3_545 ? 
5 AC1 9 C   A 9 ? C   A 9   . ? 2_445 ? 
6 AC1 9 C   A 9 ? C   A 9   . ? 1_555 ? 
7 AC1 9 HOH C . ? HOH A 212 . ? 1_555 ? 
8 AC1 9 HOH C . ? HOH A 212 . ? 2_445 ? 
9 AC1 9 HOH C . ? HOH A 212 . ? 3_545 ? 
# 
_atom_sites.entry_id                    6UGI 
_atom_sites.Cartn_transf_matrix[1][1]   ? 
_atom_sites.Cartn_transf_matrix[1][2]   ? 
_atom_sites.Cartn_transf_matrix[1][3]   ? 
_atom_sites.Cartn_transf_matrix[2][1]   ? 
_atom_sites.Cartn_transf_matrix[2][2]   ? 
_atom_sites.Cartn_transf_matrix[2][3]   ? 
_atom_sites.Cartn_transf_matrix[3][1]   ? 
_atom_sites.Cartn_transf_matrix[3][2]   ? 
_atom_sites.Cartn_transf_matrix[3][3]   ? 
_atom_sites.Cartn_transf_vector[1]      ? 
_atom_sites.Cartn_transf_vector[2]      ? 
_atom_sites.Cartn_transf_vector[3]      ? 
_atom_sites.fract_transf_matrix[1][1]   -0.01792476 
_atom_sites.fract_transf_matrix[1][2]   0.01000603 
_atom_sites.fract_transf_matrix[1][3]   0.01681024 
_atom_sites.fract_transf_matrix[2][1]   0.00787964 
_atom_sites.fract_transf_matrix[2][2]   0.01503159 
_atom_sites.fract_transf_matrix[2][3]   0.02039516 
_atom_sites.fract_transf_matrix[3][1]   -0.00028297 
_atom_sites.fract_transf_matrix[3][2]   0.00289914 
_atom_sites.fract_transf_matrix[3][3]   -0.00202739 
_atom_sites.fract_transf_vector[1]      -0.096051 
_atom_sites.fract_transf_vector[2]      -0.303119 
_atom_sites.fract_transf_vector[3]      -0.093352 
_atom_sites.solution_primary            ? 
_atom_sites.solution_secondary          ? 
_atom_sites.solution_hydrogens          ? 
_atom_sites.special_details             ? 
# 
loop_
_atom_type.symbol 
C 
N 
O 
P 
S 
# 
loop_
_atom_site.group_PDB 
_atom_site.id 
_atom_site.type_symbol 
_atom_site.label_atom_id 
_atom_site.label_alt_id 
_atom_site.label_comp_id 
_atom_site.label_asym_id 
_atom_site.label_entity_id 
_atom_site.label_seq_id 
_atom_site.pdbx_PDB_ins_code 
_atom_site.Cartn_x 
_atom_site.Cartn_y 
_atom_site.Cartn_z 
_atom_site.occupancy 
_atom_site.B_iso_or_equiv 
_atom_site.pdbx_formal_charge 
_atom_site.auth_seq_id 
_atom_site.auth_comp_id 
_atom_site.auth_asym_id 
_atom_site.auth_atom_id 
_atom_site.pdbx_PDB_model_num 
ATOM   1   O OP3   . G   A 1 1  ? -9.356  -15.753 7.319   1.00 73.80  ? 1   G   A OP3   1 
ATOM   2   P P     . G   A 1 1  ? -8.129  -16.064 8.085   1.00 55.08  ? 1   G   A P     1 
ATOM   3   O OP1   . G   A 1 1  ? -8.292  -17.423 8.693   1.00 63.46  ? 1   G   A OP1   1 
ATOM   4   O OP2   . G   A 1 1  ? -6.919  -15.779 7.280   1.00 58.25  ? 1   G   A OP2   1 
ATOM   5   O "O5'" . G   A 1 1  ? -8.224  -15.002 9.260   1.00 45.98  ? 1   G   A "O5'" 1 
ATOM   6   C "C5'" . G   A 1 1  ? -9.420  -14.782 9.988   1.00 43.38  ? 1   G   A "C5'" 1 
ATOM   7   C "C4'" . G   A 1 1  ? -9.054  -14.188 11.318  1.00 42.13  ? 1   G   A "C4'" 1 
ATOM   8   O "O4'" . G   A 1 1  ? -8.301  -15.181 12.082  1.00 39.26  ? 1   G   A "O4'" 1 
ATOM   9   C "C3'" . G   A 1 1  ? -8.126  -12.977 11.278  1.00 38.64  ? 1   G   A "C3'" 1 
ATOM   10  O "O3'" . G   A 1 1  ? -8.806  -11.740 11.036  1.00 39.92  ? 1   G   A "O3'" 1 
ATOM   11  C "C2'" . G   A 1 1  ? -7.550  -13.023 12.684  1.00 38.02  ? 1   G   A "C2'" 1 
ATOM   12  O "O2'" . G   A 1 1  ? -8.400  -12.453 13.649  1.00 38.00  ? 1   G   A "O2'" 1 
ATOM   13  C "C1'" . G   A 1 1  ? -7.323  -14.526 12.876  1.00 34.71  ? 1   G   A "C1'" 1 
ATOM   14  N N9    . G   A 1 1  ? -6.002  -14.921 12.385  1.00 30.35  ? 1   G   A N9    1 
ATOM   15  C C8    . G   A 1 1  ? -5.716  -15.634 11.243  1.00 30.42  ? 1   G   A C8    1 
ATOM   16  N N7    . G   A 1 1  ? -4.434  -15.764 11.029  1.00 29.80  ? 1   G   A N7    1 
ATOM   17  C C5    . G   A 1 1  ? -3.841  -15.103 12.099  1.00 29.01  ? 1   G   A C5    1 
ATOM   18  C C6    . G   A 1 1  ? -2.481  -14.873 12.385  1.00 31.32  ? 1   G   A C6    1 
ATOM   19  O O6    . G   A 1 1  ? -1.489  -15.276 11.768  1.00 30.94  ? 1   G   A O6    1 
ATOM   20  N N1    . G   A 1 1  ? -2.320  -14.154 13.565  1.00 27.99  ? 1   G   A N1    1 
ATOM   21  C C2    . G   A 1 1  ? -3.340  -13.627 14.313  1.00 29.49  ? 1   G   A C2    1 
ATOM   22  N N2    . G   A 1 1  ? -2.977  -12.941 15.416  1.00 27.25  ? 1   G   A N2    1 
ATOM   23  N N3    . G   A 1 1  ? -4.617  -13.843 14.064  1.00 27.45  ? 1   G   A N3    1 
ATOM   24  C C4    . G   A 1 1  ? -4.794  -14.558 12.929  1.00 28.21  ? 1   G   A C4    1 
ATOM   25  P P     . G   A 1 2  ? -8.039  -10.501 10.325  1.00 40.27  ? 2   G   A P     1 
ATOM   26  O OP1   . G   A 1 2  ? -9.043  -9.456  10.021  1.00 40.30  ? 2   G   A OP1   1 
ATOM   27  O OP2   . G   A 1 2  ? -7.176  -11.055 9.302   1.00 31.37  ? 2   G   A OP2   1 
ATOM   28  O "O5'" . G   A 1 2  ? -7.108  -9.908  11.475  1.00 34.29  ? 2   G   A "O5'" 1 
ATOM   29  C "C5'" . G   A 1 2  ? -7.712  -9.266  12.603  1.00 33.22  ? 2   G   A "C5'" 1 
ATOM   30  C "C4'" . G   A 1 2  ? -6.673  -9.004  13.654  1.00 34.53  ? 2   G   A "C4'" 1 
ATOM   31  O "O4'" . G   A 1 2  ? -5.931  -10.229 13.947  1.00 37.73  ? 2   G   A "O4'" 1 
ATOM   32  C "C3'" . G   A 1 2  ? -5.564  -8.040  13.248  1.00 32.61  ? 2   G   A "C3'" 1 
ATOM   33  O "O3'" . G   A 1 2  ? -5.998  -6.684  13.229  1.00 35.67  ? 2   G   A "O3'" 1 
ATOM   34  C "C2'" . G   A 1 2  ? -4.539  -8.354  14.318  1.00 32.11  ? 2   G   A "C2'" 1 
ATOM   35  O "O2'" . G   A 1 2  ? -4.784  -7.758  15.583  1.00 35.20  ? 2   G   A "O2'" 1 
ATOM   36  C "C1'" . G   A 1 2  ? -4.611  -9.881  14.336  1.00 32.31  ? 2   G   A "C1'" 1 
ATOM   37  N N9    . G   A 1 2  ? -3.695  -10.457 13.366  1.00 31.23  ? 2   G   A N9    1 
ATOM   38  C C8    . G   A 1 2  ? -4.001  -11.105 12.192  1.00 27.03  ? 2   G   A C8    1 
ATOM   39  N N7    . G   A 1 2  ? -2.944  -11.508 11.541  1.00 27.95  ? 2   G   A N7    1 
ATOM   40  C C5    . G   A 1 2  ? -1.876  -11.095 12.330  1.00 28.31  ? 2   G   A C5    1 
ATOM   41  C C6    . G   A 1 2  ? -0.479  -11.205 12.115  1.00 27.58  ? 2   G   A C6    1 
ATOM   42  O O6    . G   A 1 2  ? 0.107   -11.767 11.189  1.00 27.98  ? 2   G   A O6    1 
ATOM   43  N N1    . G   A 1 2  ? 0.248   -10.647 13.164  1.00 26.97  ? 2   G   A N1    1 
ATOM   44  C C2    . G   A 1 2  ? -0.298  -10.052 14.270  1.00 29.26  ? 2   G   A C2    1 
ATOM   45  N N2    . G   A 1 2  ? 0.561   -9.566  15.172  1.00 32.27  ? 2   G   A N2    1 
ATOM   46  N N3    . G   A 1 2  ? -1.601  -9.926  14.473  1.00 34.33  ? 2   G   A N3    1 
ATOM   47  C C4    . G   A 1 2  ? -2.323  -10.457 13.464  1.00 29.89  ? 2   G   A C4    1 
ATOM   48  P P     . A   A 1 3  ? -5.302  -5.636  12.210  1.00 35.11  ? 3   A   A P     1 
ATOM   49  O OP1   . A   A 1 3  ? -6.010  -4.378  12.363  1.00 41.28  ? 3   A   A OP1   1 
ATOM   50  O OP2   . A   A 1 3  ? -5.090  -6.277  10.889  1.00 29.39  ? 3   A   A OP2   1 
ATOM   51  O "O5'" . A   A 1 3  ? -3.845  -5.546  12.797  1.00 28.41  ? 3   A   A "O5'" 1 
ATOM   52  C "C5'" . A   A 1 3  ? -3.673  -4.843  14.004  1.00 26.34  ? 3   A   A "C5'" 1 
ATOM   53  C "C4'" . A   A 1 3  ? -2.221  -4.737  14.300  1.00 27.71  ? 3   A   A "C4'" 1 
ATOM   54  O "O4'" . A   A 1 3  ? -1.681  -6.060  14.464  1.00 26.59  ? 3   A   A "O4'" 1 
ATOM   55  C "C3'" . A   A 1 3  ? -1.357  -4.116  13.214  1.00 28.86  ? 3   A   A "C3'" 1 
ATOM   56  O "O3'" . A   A 1 3  ? -1.601  -2.722  13.331  1.00 31.40  ? 3   A   A "O3'" 1 
ATOM   57  C "C2'" . A   A 1 3  ? 0.001   -4.635  13.621  1.00 27.84  ? 3   A   A "C2'" 1 
ATOM   58  O "O2'" . A   A 1 3  ? 0.501   -3.967  14.769  1.00 27.15  ? 3   A   A "O2'" 1 
ATOM   59  C "C1'" . A   A 1 3  ? -0.351  -6.100  13.967  1.00 25.83  ? 3   A   A "C1'" 1 
ATOM   60  N N9    . A   A 1 3  ? -0.303  -6.998  12.802  1.00 24.68  ? 3   A   A N9    1 
ATOM   61  C C8    . A   A 1 3  ? -1.315  -7.399  11.966  1.00 24.82  ? 3   A   A C8    1 
ATOM   62  N N7    . A   A 1 3  ? -0.903  -8.116  10.944  1.00 24.36  ? 3   A   A N7    1 
ATOM   63  C C5    . A   A 1 3  ? 0.471   -8.161  11.104  1.00 23.23  ? 3   A   A C5    1 
ATOM   64  C C6    . A   A 1 3  ? 1.495   -8.721  10.320  1.00 23.38  ? 3   A   A C6    1 
ATOM   65  N N6    . A   A 1 3  ? 1.273   -9.427  9.209   1.00 22.80  ? 3   A   A N6    1 
ATOM   66  N N1    . A   A 1 3  ? 2.770   -8.481  10.690  1.00 23.99  ? 3   A   A N1    1 
ATOM   67  C C2    . A   A 1 3  ? 2.993   -7.753  11.786  1.00 27.07  ? 3   A   A C2    1 
ATOM   68  N N3    . A   A 1 3  ? 2.114   -7.146  12.588  1.00 26.41  ? 3   A   A N3    1 
ATOM   69  C C4    . A   A 1 3  ? 0.858   -7.419  12.203  1.00 23.49  ? 3   A   A C4    1 
ATOM   70  P P     . G   A 1 4  ? -1.407  -1.775  12.085  1.00 28.97  ? 4   G   A P     1 
ATOM   71  O OP1   . G   A 1 4  ? -1.980  -0.444  12.452  1.00 32.85  ? 4   G   A OP1   1 
ATOM   72  O OP2   . G   A 1 4  ? -1.935  -2.457  10.860  1.00 25.28  ? 4   G   A OP2   1 
ATOM   73  O "O5'" . G   A 1 4  ? 0.126   -1.941  11.703  1.00 29.22  ? 4   G   A "O5'" 1 
ATOM   74  C "C5'" . G   A 1 4  ? 1.158   -1.176  12.249  1.00 34.96  ? 4   G   A "C5'" 1 
ATOM   75  C "C4'" . G   A 1 4  ? 2.479   -1.798  11.905  1.00 30.43  ? 4   G   A "C4'" 1 
ATOM   76  O "O4'" . G   A 1 4  ? 2.365   -3.226  11.782  1.00 30.08  ? 4   G   A "O4'" 1 
ATOM   77  C "C3'" . G   A 1 4  ? 3.134   -1.489  10.568  1.00 26.88  ? 4   G   A "C3'" 1 
ATOM   78  O "O3'" . G   A 1 4  ? 3.483   -0.138  10.412  1.00 22.93  ? 4   G   A "O3'" 1 
ATOM   79  C "C2'" . G   A 1 4  ? 4.294   -2.469  10.650  1.00 24.44  ? 4   G   A "C2'" 1 
ATOM   80  O "O2'" . G   A 1 4  ? 5.301   -1.994  11.532  1.00 25.57  ? 4   G   A "O2'" 1 
ATOM   81  C "C1'" . G   A 1 4  ? 3.577   -3.714  11.213  1.00 25.31  ? 4   G   A "C1'" 1 
ATOM   82  N N9    . G   A 1 4  ? 3.234   -4.679  10.165  1.00 24.66  ? 4   G   A N9    1 
ATOM   83  C C8    . G   A 1 4  ? 1.990   -5.030  9.696   1.00 26.55  ? 4   G   A C8    1 
ATOM   84  N N7    . G   A 1 4  ? 2.038   -5.893  8.715   1.00 27.71  ? 4   G   A N7    1 
ATOM   85  C C5    . G   A 1 4  ? 3.395   -6.114  8.518   1.00 23.70  ? 4   G   A C5    1 
ATOM   86  C C6    . G   A 1 4  ? 4.071   -7.001  7.625   1.00 23.17  ? 4   G   A C6    1 
ATOM   87  O O6    . G   A 1 4  ? 3.587   -7.701  6.726   1.00 24.51  ? 4   G   A O6    1 
ATOM   88  N N1    . G   A 1 4  ? 5.450   -6.833  7.699   1.00 22.86  ? 4   G   A N1    1 
ATOM   89  C C2    . G   A 1 4  ? 6.097   -6.069  8.642   1.00 22.87  ? 4   G   A C2    1 
ATOM   90  N N2    . G   A 1 4  ? 7.423   -6.090  8.613   1.00 23.34  ? 4   G   A N2    1 
ATOM   91  N N3    . G   A 1 4  ? 5.478   -5.304  9.526   1.00 20.33  ? 4   G   A N3    1 
ATOM   92  C C4    . G   A 1 4  ? 4.144   -5.357  9.392   1.00 21.46  ? 4   G   A C4    1 
ATOM   93  P P     . C   A 1 5  ? 3.331   0.591   9.013   1.00 25.28  ? 5   C   A P     1 
ATOM   94  O OP1   . C   A 1 5  ? 3.690   2.006   9.232   1.00 23.27  ? 5   C   A OP1   1 
ATOM   95  O OP2   . C   A 1 5  ? 2.035   0.209   8.451   1.00 23.71  ? 5   C   A OP2   1 
ATOM   96  O "O5'" . C   A 1 5  ? 4.504   -0.075  8.153   1.00 19.55  ? 5   C   A "O5'" 1 
ATOM   97  C "C5'" . C   A 1 5  ? 5.836   0.323   8.421   1.00 19.31  ? 5   C   A "C5'" 1 
ATOM   98  C "C4'" . C   A 1 5  ? 6.818   -0.526  7.675   1.00 18.70  ? 5   C   A "C4'" 1 
ATOM   99  O "O4'" . C   A 1 5  ? 6.592   -1.943  7.968   1.00 22.43  ? 5   C   A "O4'" 1 
ATOM   100 C "C3'" . C   A 1 5  ? 6.758   -0.479  6.161   1.00 21.42  ? 5   C   A "C3'" 1 
ATOM   101 O "O3'" . C   A 1 5  ? 7.333   0.744   5.713   1.00 22.89  ? 5   C   A "O3'" 1 
ATOM   102 C "C2'" . C   A 1 5  ? 7.557   -1.730  5.814   1.00 21.85  ? 5   C   A "C2'" 1 
ATOM   103 O "O2'" . C   A 1 5  ? 8.942   -1.561  5.996   1.00 21.20  ? 5   C   A "O2'" 1 
ATOM   104 C "C1'" . C   A 1 5  ? 6.998   -2.725  6.845   1.00 22.00  ? 5   C   A "C1'" 1 
ATOM   105 N N1    . C   A 1 5  ? 5.804   -3.410  6.314   1.00 21.55  ? 5   C   A N1    1 
ATOM   106 C C2    . C   A 1 5  ? 5.972   -4.425  5.364   1.00 22.73  ? 5   C   A C2    1 
ATOM   107 O O2    . C   A 1 5  ? 7.124   -4.781  5.071   1.00 20.18  ? 5   C   A O2    1 
ATOM   108 N N3    . C   A 1 5  ? 4.874   -5.017  4.820   1.00 20.64  ? 5   C   A N3    1 
ATOM   109 C C4    . C   A 1 5  ? 3.653   -4.610  5.180   1.00 22.22  ? 5   C   A C4    1 
ATOM   110 N N4    . C   A 1 5  ? 2.596   -5.212  4.621   1.00 21.36  ? 5   C   A N4    1 
ATOM   111 C C5    . C   A 1 5  ? 3.457   -3.566  6.138   1.00 22.10  ? 5   C   A C5    1 
ATOM   112 C C6    . C   A 1 5  ? 4.548   -2.992  6.660   1.00 22.23  ? 5   C   A C6    1 
ATOM   113 P P     . G   A 1 6  ? 6.948   1.338   4.322   1.00 26.18  ? 6   G   A P     1 
ATOM   114 O OP1   . G   A 1 6  ? 7.649   2.668   4.197   1.00 24.42  ? 6   G   A OP1   1 
ATOM   115 O OP2   . G   A 1 6  ? 5.504   1.283   4.155   1.00 24.64  ? 6   G   A OP2   1 
ATOM   116 O "O5'" . G   A 1 6  ? 7.521   0.222   3.329   1.00 20.37  ? 6   G   A "O5'" 1 
ATOM   117 C "C5'" . G   A 1 6  ? 8.927   0.115   3.135   1.00 24.17  ? 6   G   A "C5'" 1 
ATOM   118 C "C4'" . G   A 1 6  ? 9.224   -0.995  2.169   1.00 23.91  ? 6   G   A "C4'" 1 
ATOM   119 O "O4'" . G   A 1 6  ? 8.744   -2.264  2.676   1.00 23.40  ? 6   G   A "O4'" 1 
ATOM   120 C "C3'" . G   A 1 6  ? 8.549   -0.897  0.794   1.00 23.46  ? 6   G   A "C3'" 1 
ATOM   121 O "O3'" . G   A 1 6  ? 9.157   0.085   -0.033  1.00 27.34  ? 6   G   A "O3'" 1 
ATOM   122 C "C2'" . G   A 1 6  ? 8.760   -2.309  0.307   1.00 24.69  ? 6   G   A "C2'" 1 
ATOM   123 O "O2'" . G   A 1 6  ? 10.091  -2.456  -0.178  1.00 23.24  ? 6   G   A "O2'" 1 
ATOM   124 C "C1'" . G   A 1 6  ? 8.373   -3.079  1.580   1.00 22.80  ? 6   G   A "C1'" 1 
ATOM   125 N N9    . G   A 1 6  ? 6.940   -3.297  1.631   1.00 19.87  ? 6   G   A N9    1 
ATOM   126 C C8    . G   A 1 6  ? 5.989   -2.645  2.373   1.00 22.51  ? 6   G   A C8    1 
ATOM   127 N N7    . G   A 1 6  ? 4.783   -3.108  2.184   1.00 20.50  ? 6   G   A N7    1 
ATOM   128 C C5    . G   A 1 6  ? 4.947   -4.113  1.240   1.00 20.72  ? 6   G   A C5    1 
ATOM   129 C C6    . G   A 1 6  ? 3.987   -4.938  0.608   1.00 22.55  ? 6   G   A C6    1 
ATOM   130 O O6    . G   A 1 6  ? 2.755   -4.930  0.750   1.00 21.90  ? 6   G   A O6    1 
ATOM   131 N N1    . G   A 1 6  ? 4.582   -5.826  -0.287  1.00 21.19  ? 6   G   A N1    1 
ATOM   132 C C2    . G   A 1 6  ? 5.932   -5.889  -0.558  1.00 22.44  ? 6   G   A C2    1 
ATOM   133 N N2    . G   A 1 6  ? 6.319   -6.789  -1.481  1.00 23.13  ? 6   G   A N2    1 
ATOM   134 N N3    . G   A 1 6  ? 6.839   -5.129  0.039   1.00 21.45  ? 6   G   A N3    1 
ATOM   135 C C4    . G   A 1 6  ? 6.272   -4.242  0.887   1.00 23.77  ? 6   G   A C4    1 
ATOM   136 P P     . G   A 1 7  ? 8.312   0.926   -1.095  1.00 26.78  ? 7   G   A P     1 
ATOM   137 O OP1   . G   A 1 7  ? 9.182   1.995   -1.690  1.00 29.23  ? 7   G   A OP1   1 
ATOM   138 O OP2   . G   A 1 7  ? 6.964   1.244   -0.626  1.00 23.10  ? 7   G   A OP2   1 
ATOM   139 O "O5'" . G   A 1 7  ? 7.950   -0.162  -2.218  1.00 24.88  ? 7   G   A "O5'" 1 
ATOM   140 C "C5'" . G   A 1 7  ? 9.007   -0.734  -2.975  1.00 25.55  ? 7   G   A "C5'" 1 
ATOM   141 C "C4'" . G   A 1 7  ? 8.552   -1.944  -3.708  1.00 26.07  ? 7   G   A "C4'" 1 
ATOM   142 O "O4'" . G   A 1 7  ? 7.969   -2.901  -2.782  1.00 27.74  ? 7   G   A "O4'" 1 
ATOM   143 C "C3'" . G   A 1 7  ? 7.480   -1.702  -4.743  1.00 26.06  ? 7   G   A "C3'" 1 
ATOM   144 O "O3'" . G   A 1 7  ? 8.031   -1.160  -5.941  1.00 27.84  ? 7   G   A "O3'" 1 
ATOM   145 C "C2'" . G   A 1 7  ? 6.891   -3.086  -4.885  1.00 23.79  ? 7   G   A "C2'" 1 
ATOM   146 O "O2'" . G   A 1 7  ? 7.641   -3.976  -5.692  1.00 20.29  ? 7   G   A "O2'" 1 
ATOM   147 C "C1'" . G   A 1 7  ? 6.899   -3.566  -3.414  1.00 24.17  ? 7   G   A "C1'" 1 
ATOM   148 N N9    . G   A 1 7  ? 5.647   -3.242  -2.736  1.00 23.65  ? 7   G   A N9    1 
ATOM   149 C C8    . G   A 1 7  ? 5.393   -2.247  -1.823  1.00 22.05  ? 7   G   A C8    1 
ATOM   150 N N7    . G   A 1 7  ? 4.135   -2.193  -1.459  1.00 23.52  ? 7   G   A N7    1 
ATOM   151 C C5    . G   A 1 7  ? 3.517   -3.196  -2.195  1.00 22.94  ? 7   G   A C5    1 
ATOM   152 C C6    . G   A 1 7  ? 2.148   -3.618  -2.229  1.00 21.32  ? 7   G   A C6    1 
ATOM   153 O O6    . G   A 1 7  ? 1.177   -3.145  -1.624  1.00 24.30  ? 7   G   A O6    1 
ATOM   154 N N1    . G   A 1 7  ? 1.944   -4.611  -3.175  1.00 21.49  ? 7   G   A N1    1 
ATOM   155 C C2    . G   A 1 7  ? 2.935   -5.199  -3.923  1.00 25.17  ? 7   G   A C2    1 
ATOM   156 N N2    . G   A 1 7  ? 2.533   -6.159  -4.756  1.00 23.79  ? 7   G   A N2    1 
ATOM   157 N N3    . G   A 1 7  ? 4.222   -4.846  -3.877  1.00 23.00  ? 7   G   A N3    1 
ATOM   158 C C4    . G   A 1 7  ? 4.438   -3.862  -2.983  1.00 21.34  ? 7   G   A C4    1 
ATOM   159 P P     . G   A 1 8  ? 7.059   -0.441  -6.984  1.00 30.18  ? 8   G   A P     1 
ATOM   160 O OP1   . G   A 1 8  ? 7.896   0.301   -7.940  1.00 29.02  ? 8   G   A OP1   1 
ATOM   161 O OP2   . G   A 1 8  ? 6.013   0.310   -6.263  1.00 32.54  ? 8   G   A OP2   1 
ATOM   162 O "O5'" . G   A 1 8  ? 6.213   -1.638  -7.599  1.00 28.80  ? 8   G   A "O5'" 1 
ATOM   163 C "C5'" . G   A 1 8  ? 6.808   -2.585  -8.537  1.00 25.50  ? 8   G   A "C5'" 1 
ATOM   164 C "C4'" . G   A 1 8  ? 5.687   -3.359  -9.190  1.00 25.43  ? 8   G   A "C4'" 1 
ATOM   165 O "O4'" . G   A 1 8  ? 5.039   -4.203  -8.194  1.00 22.54  ? 8   G   A "O4'" 1 
ATOM   166 C "C3'" . G   A 1 8  ? 4.544   -2.553  -9.770  1.00 23.62  ? 8   G   A "C3'" 1 
ATOM   167 O "O3'" . G   A 1 8  ? 4.813   -2.045  -11.072 1.00 26.48  ? 8   G   A "O3'" 1 
ATOM   168 C "C2'" . G   A 1 8  ? 3.456   -3.612  -9.832  1.00 23.97  ? 8   G   A "C2'" 1 
ATOM   169 O "O2'" . G   A 1 8  ? 3.653   -4.529  -10.878 1.00 21.45  ? 8   G   A "O2'" 1 
ATOM   170 C "C1'" . G   A 1 8  ? 3.686   -4.375  -8.515  1.00 22.08  ? 8   G   A "C1'" 1 
ATOM   171 N N9    . G   A 1 8  ? 2.861   -3.844  -7.432  1.00 23.64  ? 8   G   A N9    1 
ATOM   172 C C8    . G   A 1 8  ? 3.219   -2.967  -6.437  1.00 21.62  ? 8   G   A C8    1 
ATOM   173 N N7    . G   A 1 8  ? 2.210   -2.594  -5.695  1.00 22.63  ? 8   G   A N7    1 
ATOM   174 C C5    . G   A 1 8  ? 1.129   -3.313  -6.193  1.00 21.69  ? 8   G   A C5    1 
ATOM   175 C C6    . G   A 1 8  ? -0.234  -3.373  -5.760  1.00 24.05  ? 8   G   A C6    1 
ATOM   176 O O6    . G   A 1 8  ? -0.775  -2.783  -4.827  1.00 23.03  ? 8   G   A O6    1 
ATOM   177 N N1    . G   A 1 8  ? -1.004  -4.164  -6.606  1.00 25.89  ? 8   G   A N1    1 
ATOM   178 C C2    . G   A 1 8  ? -0.521  -4.866  -7.677  1.00 24.41  ? 8   G   A C2    1 
ATOM   179 N N2    . G   A 1 8  ? -1.429  -5.587  -8.377  1.00 23.65  ? 8   G   A N2    1 
ATOM   180 N N3    . G   A 1 8  ? 0.745   -4.850  -8.063  1.00 22.34  ? 8   G   A N3    1 
ATOM   181 C C4    . G   A 1 8  ? 1.501   -4.049  -7.295  1.00 21.98  ? 8   G   A C4    1 
ATOM   182 P P     . C   A 1 9  ? 4.225   -0.640  -11.493 1.00 28.83  ? 9   C   A P     1 
ATOM   183 O OP1   . C   A 1 9  ? 4.719   -0.310  -12.814 1.00 29.64  ? 9   C   A OP1   1 
ATOM   184 O OP2   . C   A 1 9  ? 4.335   0.264   -10.331 1.00 24.43  ? 9   C   A OP2   1 
ATOM   185 O "O5'" . C   A 1 9  ? 2.658   -0.951  -11.577 1.00 23.14  ? 9   C   A "O5'" 1 
ATOM   186 C "C5'" . C   A 1 9  ? 2.184   -1.732  -12.683 1.00 23.23  ? 9   C   A "C5'" 1 
ATOM   187 C "C4'" . C   A 1 9  ? 0.718   -2.104  -12.507 1.00 18.83  ? 9   C   A "C4'" 1 
ATOM   188 O "O4'" . C   A 1 9  ? 0.504   -2.837  -11.258 1.00 20.60  ? 9   C   A "O4'" 1 
ATOM   189 C "C3'" . C   A 1 9  ? -0.251  -0.955  -12.372 1.00 23.33  ? 9   C   A "C3'" 1 
ATOM   190 O "O3'" . C   A 1 9  ? -0.445  -0.390  -13.658 1.00 24.93  ? 9   C   A "O3'" 1 
ATOM   191 C "C2'" . C   A 1 9  ? -1.483  -1.690  -11.835 1.00 20.65  ? 9   C   A "C2'" 1 
ATOM   192 O "O2'" . C   A 1 9  ? -2.149  -2.393  -12.878 1.00 26.10  ? 9   C   A "O2'" 1 
ATOM   193 C "C1'" . C   A 1 9  ? -0.830  -2.576  -10.773 1.00 25.00  ? 9   C   A "C1'" 1 
ATOM   194 N N1    . C   A 1 9  ? -0.771  -1.851  -9.474  1.00 21.94  ? 9   C   A N1    1 
ATOM   195 C C2    . C   A 1 9  ? -1.969  -1.675  -8.774  1.00 24.25  ? 9   C   A C2    1 
ATOM   196 O O2    . C   A 1 9  ? -2.992  -2.247  -9.180  1.00 23.04  ? 9   C   A O2    1 
ATOM   197 N N3    . C   A 1 9  ? -1.971  -0.938  -7.637  1.00 22.25  ? 9   C   A N3    1 
ATOM   198 C C4    . C   A 1 9  ? -0.846  -0.358  -7.215  1.00 25.79  ? 9   C   A C4    1 
ATOM   199 N N4    . C   A 1 9  ? -0.904  0.363   -6.089  1.00 28.07  ? 9   C   A N4    1 
ATOM   200 C C5    . C   A 1 9  ? 0.380   -0.481  -7.930  1.00 24.30  ? 9   C   A C5    1 
ATOM   201 C C6    . C   A 1 9  ? 0.371   -1.231  -9.048  1.00 25.32  ? 9   C   A C6    1 
ATOM   202 P P     . G   A 1 10 ? -0.722  1.216   -13.813 1.00 26.51  ? 10  G   A P     1 
ATOM   203 O OP1   . G   A 1 10 ? -0.830  1.435   -15.290 1.00 25.75  ? 10  G   A OP1   1 
ATOM   204 O OP2   . G   A 1 10 ? 0.211   1.937   -12.966 1.00 24.94  ? 10  G   A OP2   1 
ATOM   205 O "O5'" . G   A 1 10 ? -2.127  1.434   -13.104 1.00 25.94  ? 10  G   A "O5'" 1 
ATOM   206 C "C5'" . G   A 1 10 ? -3.281  1.073   -13.852 1.00 25.41  ? 10  G   A "C5'" 1 
ATOM   207 C "C4'" . G   A 1 10 ? -4.495  1.076   -13.010 1.00 24.69  ? 10  G   A "C4'" 1 
ATOM   208 O "O4'" . G   A 1 10 ? -4.284  0.292   -11.811 1.00 23.23  ? 10  G   A "O4'" 1 
ATOM   209 C "C3'" . G   A 1 10 ? -4.937  2.425   -12.467 1.00 26.78  ? 10  G   A "C3'" 1 
ATOM   210 O "O3'" . G   A 1 10 ? -5.486  3.130   -13.549 1.00 30.04  ? 10  G   A "O3'" 1 
ATOM   211 C "C2'" . G   A 1 10 ? -5.917  1.967   -11.425 1.00 28.41  ? 10  G   A "C2'" 1 
ATOM   212 O "O2'" . G   A 1 10 ? -7.116  1.567   -12.068 1.00 27.96  ? 10  G   A "O2'" 1 
ATOM   213 C "C1'" . G   A 1 10 ? -5.091  0.842   -10.786 1.00 27.86  ? 10  G   A "C1'" 1 
ATOM   214 N N9    . G   A 1 10 ? -4.229  1.401   -9.760  1.00 25.29  ? 10  G   A N9    1 
ATOM   215 C C8    . G   A 1 10 ? -2.868  1.612   -9.760  1.00 27.87  ? 10  G   A C8    1 
ATOM   216 N N7    . G   A 1 10 ? -2.442  2.180   -8.662  1.00 25.48  ? 10  G   A N7    1 
ATOM   217 C C5    . G   A 1 10 ? -3.590  2.329   -7.892  1.00 26.23  ? 10  G   A C5    1 
ATOM   218 C C6    . G   A 1 10 ? -3.773  2.925   -6.612  1.00 27.17  ? 10  G   A C6    1 
ATOM   219 O O6    . G   A 1 10 ? -2.921  3.368   -5.842  1.00 27.55  ? 10  G   A O6    1 
ATOM   220 N N1    . G   A 1 10 ? -5.105  2.894   -6.217  1.00 25.85  ? 10  G   A N1    1 
ATOM   221 C C2    . G   A 1 10 ? -6.138  2.405   -6.978  1.00 29.38  ? 10  G   A C2    1 
ATOM   222 N N2    . G   A 1 10 ? -7.353  2.480   -6.436  1.00 30.19  ? 10  G   A N2    1 
ATOM   223 N N3    . G   A 1 10 ? -5.984  1.857   -8.171  1.00 28.27  ? 10  G   A N3    1 
ATOM   224 C C4    . G   A 1 10 ? -4.696  1.864   -8.566  1.00 26.67  ? 10  G   A C4    1 
ATOM   225 P P     . G   A 1 11 ? -5.539  4.768   -13.571 1.00 33.77  ? 11  G   A P     1 
ATOM   226 O OP1   . G   A 1 11 ? -5.971  5.110   -14.936 1.00 32.86  ? 11  G   A OP1   1 
ATOM   227 O OP2   . G   A 1 11 ? -4.350  5.329   -12.936 1.00 34.03  ? 11  G   A OP2   1 
ATOM   228 O "O5'" . G   A 1 11 ? -6.587  5.113   -12.435 1.00 32.84  ? 11  G   A "O5'" 1 
ATOM   229 C "C5'" . G   A 1 11 ? -7.952  4.728   -12.624 1.00 37.96  ? 11  G   A "C5'" 1 
ATOM   230 C "C4'" . G   A 1 11 ? -8.716  5.072   -11.385 1.00 37.37  ? 11  G   A "C4'" 1 
ATOM   231 O "O4'" . G   A 1 11 ? -8.197  4.266   -10.288 1.00 38.47  ? 11  G   A "O4'" 1 
ATOM   232 C "C3'" . G   A 1 11 ? -8.533  6.495   -10.878 1.00 40.52  ? 11  G   A "C3'" 1 
ATOM   233 O "O3'" . G   A 1 11 ? -9.338  7.456   -11.551 1.00 50.49  ? 11  G   A "O3'" 1 
ATOM   234 C "C2'" . G   A 1 11 ? -8.989  6.336   -9.445  1.00 37.06  ? 11  G   A "C2'" 1 
ATOM   235 O "O2'" . G   A 1 11 ? -10.391 6.243   -9.360  1.00 31.00  ? 11  G   A "O2'" 1 
ATOM   236 C "C1'" . G   A 1 11 ? -8.325  4.997   -9.082  1.00 33.21  ? 11  G   A "C1'" 1 
ATOM   237 N N9    . G   A 1 11 ? -7.008  5.273   -8.520  1.00 31.57  ? 11  G   A N9    1 
ATOM   238 C C8    . G   A 1 11 ? -5.775  5.275   -9.131  1.00 28.74  ? 11  G   A C8    1 
ATOM   239 N N7    . G   A 1 11 ? -4.812  5.670   -8.338  1.00 26.49  ? 11  G   A N7    1 
ATOM   240 C C5    . G   A 1 11 ? -5.463  6.023   -7.166  1.00 27.87  ? 11  G   A C5    1 
ATOM   241 C C6    . G   A 1 11 ? -4.950  6.538   -5.952  1.00 27.24  ? 11  G   A C6    1 
ATOM   242 O O6    . G   A 1 11 ? -3.782  6.803   -5.661  1.00 26.99  ? 11  G   A O6    1 
ATOM   243 N N1    . G   A 1 11 ? -5.964  6.801   -5.042  1.00 27.92  ? 11  G   A N1    1 
ATOM   244 C C2    . G   A 1 11 ? -7.291  6.532   -5.237  1.00 30.19  ? 11  G   A C2    1 
ATOM   245 N N2    . G   A 1 11 ? -8.102  6.811   -4.213  1.00 30.03  ? 11  G   A N2    1 
ATOM   246 N N3    . G   A 1 11 ? -7.788  6.045   -6.365  1.00 32.87  ? 11  G   A N3    1 
ATOM   247 C C4    . G   A 1 11 ? -6.822  5.819   -7.279  1.00 28.44  ? 11  G   A C4    1 
ATOM   248 P P     . G   A 1 12 ? -8.918  9.004   -11.584 1.00 50.96  ? 12  G   A P     1 
ATOM   249 O OP1   . G   A 1 12 ? -9.793  9.648   -12.572 1.00 52.51  ? 12  G   A OP1   1 
ATOM   250 O OP2   . G   A 1 12 ? -7.439  9.137   -11.674 1.00 50.23  ? 12  G   A OP2   1 
ATOM   251 O "O5'" . G   A 1 12 ? -9.136  9.543   -10.106 1.00 42.54  ? 12  G   A "O5'" 1 
ATOM   252 C "C5'" . G   A 1 12 ? -10.436 9.694   -9.555  1.00 43.60  ? 12  G   A "C5'" 1 
ATOM   253 C "C4'" . G   A 1 12 ? -10.291 10.041  -8.097  1.00 46.73  ? 12  G   A "C4'" 1 
ATOM   254 O "O4'" . G   A 1 12 ? -9.351  9.123   -7.481  1.00 47.05  ? 12  G   A "O4'" 1 
ATOM   255 C "C3'" . G   A 1 12 ? -9.668  11.385  -7.762  1.00 46.58  ? 12  G   A "C3'" 1 
ATOM   256 O "O3'" . G   A 1 12 ? -10.502 12.545  -7.896  1.00 50.20  ? 12  G   A "O3'" 1 
ATOM   257 C "C2'" . G   A 1 12 ? -9.316  11.170  -6.301  1.00 43.86  ? 12  G   A "C2'" 1 
ATOM   258 O "O2'" . G   A 1 12 ? -10.431 11.269  -5.443  1.00 42.95  ? 12  G   A "O2'" 1 
ATOM   259 C "C1'" . G   A 1 12 ? -8.792  9.726   -6.329  1.00 41.47  ? 12  G   A "C1'" 1 
ATOM   260 N N9    . G   A 1 12 ? -7.334  9.669   -6.427  1.00 40.32  ? 12  G   A N9    1 
ATOM   261 C C8    . G   A 1 12 ? -6.571  9.318   -7.515  1.00 35.99  ? 12  G   A C8    1 
ATOM   262 N N7    . G   A 1 12 ? -5.289  9.414   -7.292  1.00 34.68  ? 12  G   A N7    1 
ATOM   263 C C5    . G   A 1 12 ? -5.198  9.861   -5.980  1.00 34.30  ? 12  G   A C5    1 
ATOM   264 C C6    . G   A 1 12 ? -4.058  10.150  -5.175  1.00 33.22  ? 12  G   A C6    1 
ATOM   265 O O6    . G   A 1 12 ? -2.858  10.076  -5.474  1.00 31.71  ? 12  G   A O6    1 
ATOM   266 N N1    . G   A 1 12 ? -4.427  10.605  -3.911  1.00 33.79  ? 12  G   A N1    1 
ATOM   267 C C2    . G   A 1 12 ? -5.720  10.728  -3.465  1.00 32.32  ? 12  G   A C2    1 
ATOM   268 N N2    . G   A 1 12 ? -5.874  11.168  -2.211  1.00 33.29  ? 12  G   A N2    1 
ATOM   269 N N3    . G   A 1 12 ? -6.785  10.434  -4.193  1.00 31.91  ? 12  G   A N3    1 
ATOM   270 C C4    . G   A 1 12 ? -6.454  10.049  -5.442  1.00 36.36  ? 12  G   A C4    1 
ATOM   271 P P     . U   A 1 13 ? -9.860  13.951  -8.406  1.00 46.71  ? 13  U   A P     1 
ATOM   272 O OP1   . U   A 1 13 ? -10.974 14.825  -8.848  1.00 59.03  ? 13  U   A OP1   1 
ATOM   273 O OP2   . U   A 1 13 ? -8.773  13.641  -9.337  1.00 43.29  ? 13  U   A OP2   1 
ATOM   274 O "O5'" . U   A 1 13 ? -9.156  14.547  -7.095  1.00 41.03  ? 13  U   A "O5'" 1 
ATOM   275 C "C5'" . U   A 1 13 ? -9.790  14.509  -5.805  1.00 42.48  ? 13  U   A "C5'" 1 
ATOM   276 C "C4'" . U   A 1 13 ? -8.812  14.923  -4.733  1.00 44.01  ? 13  U   A "C4'" 1 
ATOM   277 O "O4'" . U   A 1 13 ? -7.941  13.806  -4.423  1.00 40.60  ? 13  U   A "O4'" 1 
ATOM   278 C "C3'" . U   A 1 13 ? -7.841  16.041  -5.093  1.00 44.83  ? 13  U   A "C3'" 1 
ATOM   279 O "O3'" . U   A 1 13 ? -8.363  17.337  -4.857  1.00 50.59  ? 13  U   A "O3'" 1 
ATOM   280 C "C2'" . U   A 1 13 ? -6.748  15.829  -4.066  1.00 47.87  ? 13  U   A "C2'" 1 
ATOM   281 O "O2'" . U   A 1 13 ? -7.085  16.438  -2.836  1.00 46.99  ? 13  U   A "O2'" 1 
ATOM   282 C "C1'" . U   A 1 13 ? -6.673  14.298  -4.027  1.00 43.38  ? 13  U   A "C1'" 1 
ATOM   283 N N1    . U   A 1 13 ? -5.653  13.811  -4.963  1.00 37.85  ? 13  U   A N1    1 
ATOM   284 C C2    . U   A 1 13 ? -4.348  13.901  -4.538  1.00 36.27  ? 13  U   A C2    1 
ATOM   285 O O2    . U   A 1 13 ? -4.046  14.309  -3.431  1.00 32.94  ? 13  U   A O2    1 
ATOM   286 N N3    . U   A 1 13 ? -3.414  13.453  -5.439  1.00 34.92  ? 13  U   A N3    1 
ATOM   287 C C4    . U   A 1 13 ? -3.641  12.983  -6.715  1.00 35.28  ? 13  U   A C4    1 
ATOM   288 O O4    . U   A 1 13 ? -2.682  12.650  -7.419  1.00 36.17  ? 13  U   A O4    1 
ATOM   289 C C5    . U   A 1 13 ? -5.018  12.935  -7.092  1.00 33.02  ? 13  U   A C5    1 
ATOM   290 C C6    . U   A 1 13 ? -5.955  13.368  -6.237  1.00 36.46  ? 13  U   A C6    1 
ATOM   291 P P     . U   A 1 14 ? -8.038  18.565  -5.835  1.00 50.15  ? 14  U   A P     1 
ATOM   292 O OP1   . U   A 1 14 ? -8.754  19.748  -5.284  1.00 62.37  ? 14  U   A OP1   1 
ATOM   293 O OP2   . U   A 1 14 ? -8.267  18.133  -7.234  1.00 51.41  ? 14  U   A OP2   1 
ATOM   294 O "O5'" . U   A 1 14 ? -6.487  18.860  -5.677  1.00 49.76  ? 14  U   A "O5'" 1 
ATOM   295 C "C5'" . U   A 1 14 ? -5.951  19.367  -4.443  1.00 62.37  ? 14  U   A "C5'" 1 
ATOM   296 C "C4'" . U   A 1 14 ? -4.441  19.387  -4.517  1.00 72.18  ? 14  U   A "C4'" 1 
ATOM   297 O "O4'" . U   A 1 14 ? -3.930  18.024  -4.563  1.00 69.48  ? 14  U   A "O4'" 1 
ATOM   298 C "C3'" . U   A 1 14 ? -3.843  20.027  -5.761  1.00 77.22  ? 14  U   A "C3'" 1 
ATOM   299 O "O3'" . U   A 1 14 ? -3.759  21.449  -5.718  1.00 86.78  ? 14  U   A "O3'" 1 
ATOM   300 C "C2'" . U   A 1 14 ? -2.442  19.435  -5.771  1.00 70.73  ? 14  U   A "C2'" 1 
ATOM   301 O "O2'" . U   A 1 14 ? -1.554  20.148  -4.948  1.00 73.10  ? 14  U   A "O2'" 1 
ATOM   302 C "C1'" . U   A 1 14 ? -2.708  18.006  -5.286  1.00 66.24  ? 14  U   A "C1'" 1 
ATOM   303 N N1    . U   A 1 14 ? -2.841  17.101  -6.432  1.00 57.98  ? 14  U   A N1    1 
ATOM   304 C C2    . U   A 1 14 ? -1.671  16.612  -6.987  1.00 55.97  ? 14  U   A C2    1 
ATOM   305 O O2    . U   A 1 14 ? -0.571  16.846  -6.520  1.00 63.39  ? 14  U   A O2    1 
ATOM   306 N N3    . U   A 1 14 ? -1.843  15.843  -8.111  1.00 49.38  ? 14  U   A N3    1 
ATOM   307 C C4    . U   A 1 14 ? -3.033  15.513  -8.719  1.00 47.75  ? 14  U   A C4    1 
ATOM   308 O O4    . U   A 1 14 ? -3.024  14.786  -9.713  1.00 53.55  ? 14  U   A O4    1 
ATOM   309 C C5    . U   A 1 14 ? -4.195  16.086  -8.106  1.00 45.86  ? 14  U   A C5    1 
ATOM   310 C C6    . U   A 1 14 ? -4.060  16.857  -7.024  1.00 48.44  ? 14  U   A C6    1 
ATOM   311 P P     . C   A 1 15 ? -4.322  22.326  -6.932  1.00 85.58  ? 15  C   A P     1 
ATOM   312 O OP1   . C   A 1 15 ? -3.875  23.717  -6.717  1.00 100.50 ? 15  C   A OP1   1 
ATOM   313 O OP2   . C   A 1 15 ? -5.764  22.018  -7.088  1.00 80.44  ? 15  C   A OP2   1 
ATOM   314 O "O5'" . C   A 1 15 ? -3.580  21.756  -8.223  1.00 86.20  ? 15  C   A "O5'" 1 
ATOM   315 C "C5'" . C   A 1 15 ? -4.131  21.981  -9.543  1.00 89.53  ? 15  C   A "C5'" 1 
ATOM   316 C "C4'" . C   A 1 15 ? -3.046  22.011  -10.603 1.00 90.05  ? 15  C   A "C4'" 1 
ATOM   317 O "O4'" . C   A 1 15 ? -2.437  23.324  -10.661 1.00 93.50  ? 15  C   A "O4'" 1 
ATOM   318 C "C3'" . C   A 1 15 ? -1.883  21.054  -10.404 1.00 90.70  ? 15  C   A "C3'" 1 
ATOM   319 O "O3'" . C   A 1 15 ? -2.221  19.831  -11.014 1.00 94.34  ? 15  C   A "O3'" 1 
ATOM   320 C "C2'" . C   A 1 15 ? -0.739  21.748  -11.131 1.00 85.95  ? 15  C   A "C2'" 1 
ATOM   321 O "O2'" . C   A 1 15 ? -0.718  21.558  -12.529 1.00 82.84  ? 15  C   A "O2'" 1 
ATOM   322 C "C1'" . C   A 1 15 ? -1.025  23.205  -10.794 1.00 84.80  ? 15  C   A "C1'" 1 
ATOM   323 N N1    . C   A 1 15 ? -0.395  23.715  -9.561  1.00 78.93  ? 15  C   A N1    1 
ATOM   324 C C2    . C   A 1 15 ? 0.956   24.087  -9.596  1.00 80.21  ? 15  C   A C2    1 
ATOM   325 O O2    . C   A 1 15 ? 1.595   23.931  -10.650 1.00 73.49  ? 15  C   A O2    1 
ATOM   326 N N3    . C   A 1 15 ? 1.532   24.590  -8.478  1.00 79.73  ? 15  C   A N3    1 
ATOM   327 C C4    . C   A 1 15 ? 0.810   24.733  -7.361  1.00 77.10  ? 15  C   A C4    1 
ATOM   328 N N4    . C   A 1 15 ? 1.419   25.227  -6.281  1.00 75.37  ? 15  C   A N4    1 
ATOM   329 C C5    . C   A 1 15 ? -0.569  24.379  -7.305  1.00 69.63  ? 15  C   A C5    1 
ATOM   330 C C6    . C   A 1 15 ? -1.127  23.883  -8.418  1.00 72.50  ? 15  C   A C6    1 
ATOM   331 P P     . G   A 1 16 ? -2.080  18.520  -10.183 1.00 86.61  ? 16  G   A P     1 
ATOM   332 O OP1   . G   A 1 16 ? -2.494  17.392  -11.061 1.00 94.07  ? 16  G   A OP1   1 
ATOM   333 O OP2   . G   A 1 16 ? -2.759  18.746  -8.886  1.00 88.93  ? 16  G   A OP2   1 
ATOM   334 O "O5'" . G   A 1 16 ? -0.512  18.450  -9.929  1.00 81.90  ? 16  G   A "O5'" 1 
ATOM   335 C "C5'" . G   A 1 16 ? 0.382   18.311  -11.043 1.00 78.64  ? 16  G   A "C5'" 1 
ATOM   336 C "C4'" . G   A 1 16 ? 1.800   18.179  -10.556 1.00 81.20  ? 16  G   A "C4'" 1 
ATOM   337 O "O4'" . G   A 1 16 ? 2.328   19.485  -10.223 1.00 78.00  ? 16  G   A "O4'" 1 
ATOM   338 C "C3'" . G   A 1 16 ? 1.982   17.298  -9.325  1.00 80.74  ? 16  G   A "C3'" 1 
ATOM   339 O "O3'" . G   A 1 16 ? 2.494   16.077  -9.815  1.00 73.30  ? 16  G   A "O3'" 1 
ATOM   340 C "C2'" . G   A 1 16 ? 3.080   17.987  -8.527  1.00 78.61  ? 16  G   A "C2'" 1 
ATOM   341 O "O2'" . G   A 1 16 ? 4.355   17.488  -8.868  1.00 79.05  ? 16  G   A "O2'" 1 
ATOM   342 C "C1'" . G   A 1 16 ? 2.922   19.449  -8.941  1.00 88.45  ? 16  G   A "C1'" 1 
ATOM   343 N N9    . G   A 1 16 ? 2.101   20.254  -8.047  1.00 100.97 ? 16  G   A N9    1 
ATOM   344 C C8    . G   A 1 16 ? 1.050   21.060  -8.406  1.00 111.93 ? 16  G   A C8    1 
ATOM   345 N N7    . G   A 1 16 ? 0.508   21.677  -7.393  1.00 117.12 ? 16  G   A N7    1 
ATOM   346 C C5    . G   A 1 16 ? 1.257   21.266  -6.302  1.00 119.73 ? 16  G   A C5    1 
ATOM   347 C C6    . G   A 1 16 ? 1.144   21.609  -4.930  1.00 119.07 ? 16  G   A C6    1 
ATOM   348 O O6    . G   A 1 16 ? 0.336   22.374  -4.391  1.00 107.60 ? 16  G   A O6    1 
ATOM   349 N N1    . G   A 1 16 ? 2.103   20.958  -4.161  1.00 126.84 ? 16  G   A N1    1 
ATOM   350 C C2    . G   A 1 16 ? 3.053   20.093  -4.647  1.00 118.53 ? 16  G   A C2    1 
ATOM   351 N N2    . G   A 1 16 ? 3.894   19.566  -3.744  1.00 108.99 ? 16  G   A N2    1 
ATOM   352 N N3    . G   A 1 16 ? 3.173   19.771  -5.926  1.00 118.78 ? 16  G   A N3    1 
ATOM   353 C C4    . G   A 1 16 ? 2.248   20.390  -6.689  1.00 115.58 ? 16  G   A C4    1 
ATOM   354 P P     . A   A 1 17 ? 1.878   14.726  -9.345  1.00 72.59  ? 17  A   A P     1 
ATOM   355 O OP1   . A   A 1 17 ? 2.431   13.671  -10.234 1.00 80.48  ? 17  A   A OP1   1 
ATOM   356 O OP2   . A   A 1 17 ? 0.405   14.877  -9.226  1.00 72.17  ? 17  A   A OP2   1 
ATOM   357 O "O5'" . A   A 1 17 ? 2.450   14.598  -7.865  1.00 62.10  ? 17  A   A "O5'" 1 
ATOM   358 C "C5'" . A   A 1 17 ? 3.874   14.560  -7.640  1.00 58.11  ? 17  A   A "C5'" 1 
ATOM   359 C "C4'" . A   A 1 17 ? 4.215   13.490  -6.635  1.00 53.60  ? 17  A   A "C4'" 1 
ATOM   360 O "O4'" . A   A 1 17 ? 3.406   13.686  -5.438  1.00 47.88  ? 17  A   A "O4'" 1 
ATOM   361 C "C3'" . A   A 1 17 ? 3.954   12.052  -7.081  1.00 51.47  ? 17  A   A "C3'" 1 
ATOM   362 O "O3'" . A   A 1 17 ? 4.921   11.216  -6.440  1.00 49.40  ? 17  A   A "O3'" 1 
ATOM   363 C "C2'" . A   A 1 17 ? 2.554   11.785  -6.533  1.00 49.05  ? 17  A   A "C2'" 1 
ATOM   364 O "O2'" . A   A 1 17 ? 2.333   10.399  -6.362  1.00 50.21  ? 17  A   A "O2'" 1 
ATOM   365 C "C1'" . A   A 1 17 ? 2.614   12.540  -5.199  1.00 42.64  ? 17  A   A "C1'" 1 
ATOM   366 N N9    . A   A 1 17 ? 1.344   12.983  -4.626  1.00 38.66  ? 17  A   A N9    1 
ATOM   367 C C8    . A   A 1 17 ? 0.072   12.972  -5.153  1.00 35.08  ? 17  A   A C8    1 
ATOM   368 N N7    . A   A 1 17 ? -0.837  13.470  -4.347  1.00 37.55  ? 17  A   A N7    1 
ATOM   369 C C5    . A   A 1 17 ? -0.129  13.769  -3.190  1.00 36.09  ? 17  A   A C5    1 
ATOM   370 C C6    . A   A 1 17 ? -0.520  14.306  -1.948  1.00 33.84  ? 17  A   A C6    1 
ATOM   371 N N6    . A   A 1 17 ? -1.780  14.624  -1.634  1.00 36.64  ? 17  A   A N6    1 
ATOM   372 N N1    . A   A 1 17 ? 0.440   14.488  -1.016  1.00 38.25  ? 17  A   A N1    1 
ATOM   373 C C2    . A   A 1 17 ? 1.704   14.161  -1.321  1.00 36.83  ? 17  A   A C2    1 
ATOM   374 N N3    . A   A 1 17 ? 2.192   13.649  -2.443  1.00 36.14  ? 17  A   A N3    1 
ATOM   375 C C4    . A   A 1 17 ? 1.218   13.496  -3.356  1.00 37.16  ? 17  A   A C4    1 
ATOM   376 P P     . G   A 1 18 ? 5.969   10.339  -7.288  1.00 46.67  ? 18  G   A P     1 
ATOM   377 O OP1   . G   A 1 18 ? 7.289   10.997  -7.241  1.00 49.30  ? 18  G   A OP1   1 
ATOM   378 O OP2   . G   A 1 18 ? 5.347   9.942   -8.588  1.00 52.05  ? 18  G   A OP2   1 
ATOM   379 O "O5'" . G   A 1 18 ? 6.113   9.007   -6.427  1.00 49.30  ? 18  G   A "O5'" 1 
ATOM   380 C "C5'" . G   A 1 18 ? 5.013   8.099   -6.321  1.00 44.75  ? 18  G   A "C5'" 1 
ATOM   381 C "C4'" . G   A 1 18 ? 5.355   7.027   -5.328  1.00 44.71  ? 18  G   A "C4'" 1 
ATOM   382 O "O4'" . G   A 1 18 ? 6.525   6.324   -5.812  1.00 42.22  ? 18  G   A "O4'" 1 
ATOM   383 C "C3'" . G   A 1 18 ? 5.705   7.489   -3.914  1.00 43.42  ? 18  G   A "C3'" 1 
ATOM   384 O "O3'" . G   A 1 18 ? 5.319   6.442   -3.040  1.00 46.10  ? 18  G   A "O3'" 1 
ATOM   385 C "C2'" . G   A 1 18 ? 7.229   7.557   -3.939  1.00 42.49  ? 18  G   A "C2'" 1 
ATOM   386 O "O2'" . G   A 1 18 ? 7.967   7.459   -2.716  1.00 38.69  ? 18  G   A "O2'" 1 
ATOM   387 C "C1'" . G   A 1 18 ? 7.524   6.353   -4.818  1.00 41.57  ? 18  G   A "C1'" 1 
ATOM   388 N N9    . G   A 1 18 ? 8.806   6.384   -5.481  1.00 42.59  ? 18  G   A N9    1 
ATOM   389 C C8    . G   A 1 18 ? 9.278   7.301   -6.390  1.00 40.19  ? 18  G   A C8    1 
ATOM   390 N N7    . G   A 1 18 ? 10.486  7.033   -6.802  1.00 42.79  ? 18  G   A N7    1 
ATOM   391 C C5    . G   A 1 18 ? 10.829  5.871   -6.123  1.00 39.74  ? 18  G   A C5    1 
ATOM   392 C C6    . G   A 1 18 ? 11.996  5.076   -6.198  1.00 38.67  ? 18  G   A C6    1 
ATOM   393 O O6    . G   A 1 18 ? 13.018  5.272   -6.859  1.00 40.46  ? 18  G   A O6    1 
ATOM   394 N N1    . G   A 1 18 ? 11.919  3.973   -5.352  1.00 39.62  ? 18  G   A N1    1 
ATOM   395 C C2    . G   A 1 18 ? 10.845  3.662   -4.559  1.00 37.95  ? 18  G   A C2    1 
ATOM   396 N N2    . G   A 1 18 ? 10.965  2.562   -3.803  1.00 39.86  ? 18  G   A N2    1 
ATOM   397 N N3    . G   A 1 18 ? 9.738   4.377   -4.505  1.00 41.39  ? 18  G   A N3    1 
ATOM   398 C C4    . G   A 1 18 ? 9.798   5.458   -5.310  1.00 40.46  ? 18  G   A C4    1 
ATOM   399 P P     . U   A 1 19 ? 3.836   6.441   -2.425  1.00 50.85  ? 19  U   A P     1 
ATOM   400 O OP1   . U   A 1 19 ? 3.644   5.159   -1.695  1.00 44.81  ? 19  U   A OP1   1 
ATOM   401 O OP2   . U   A 1 19 ? 2.889   6.837   -3.485  1.00 45.47  ? 19  U   A OP2   1 
ATOM   402 O "O5'" . U   A 1 19 ? 3.900   7.645   -1.387  1.00 41.94  ? 19  U   A "O5'" 1 
ATOM   403 C "C5'" . U   A 1 19 ? 4.654   7.476   -0.177  1.00 41.27  ? 19  U   A "C5'" 1 
ATOM   404 C "C4'" . U   A 1 19 ? 4.696   8.769   0.578   1.00 34.11  ? 19  U   A "C4'" 1 
ATOM   405 O "O4'" . U   A 1 19 ? 5.618   9.654   -0.103  1.00 37.49  ? 19  U   A "O4'" 1 
ATOM   406 C "C3'" . U   A 1 19 ? 3.385   9.540   0.686   1.00 36.47  ? 19  U   A "C3'" 1 
ATOM   407 O "O3'" . U   A 1 19 ? 3.230   9.979   2.050   1.00 35.82  ? 19  U   A "O3'" 1 
ATOM   408 C "C2'" . U   A 1 19 ? 3.593   10.736  -0.250  1.00 35.59  ? 19  U   A "C2'" 1 
ATOM   409 O "O2'" . U   A 1 19 ? 2.882   11.864  0.202   1.00 38.95  ? 19  U   A "O2'" 1 
ATOM   410 C "C1'" . U   A 1 19 ? 5.091   10.967  -0.094  1.00 35.93  ? 19  U   A "C1'" 1 
ATOM   411 N N1    . U   A 1 19 ? 5.801   11.707  -1.139  1.00 34.89  ? 19  U   A N1    1 
ATOM   412 C C2    . U   A 1 19 ? 6.675   12.703  -0.739  1.00 36.89  ? 19  U   A C2    1 
ATOM   413 O O2    . U   A 1 19 ? 6.769   13.080  0.416   1.00 32.11  ? 19  U   A O2    1 
ATOM   414 N N3    . U   A 1 19 ? 7.425   13.249  -1.752  1.00 38.75  ? 19  U   A N3    1 
ATOM   415 C C4    . U   A 1 19 ? 7.432   12.870  -3.084  1.00 37.46  ? 19  U   A C4    1 
ATOM   416 O O4    . U   A 1 19 ? 8.165   13.464  -3.878  1.00 40.85  ? 19  U   A O4    1 
ATOM   417 C C5    . U   A 1 19 ? 6.530   11.809  -3.406  1.00 35.50  ? 19  U   A C5    1 
ATOM   418 C C6    . U   A 1 19 ? 5.813   11.234  -2.434  1.00 38.88  ? 19  U   A C6    1 
ATOM   419 P P     . C   A 1 20 ? 2.355   9.134   3.069   1.00 36.94  ? 20  C   A P     1 
ATOM   420 O OP1   . C   A 1 20 ? 2.955   9.331   4.417   1.00 34.43  ? 20  C   A OP1   1 
ATOM   421 O OP2   . C   A 1 20 ? 2.082   7.830   2.521   1.00 37.66  ? 20  C   A OP2   1 
ATOM   422 O "O5'" . C   A 1 20 ? 0.902   9.774   2.951   1.00 36.79  ? 20  C   A "O5'" 1 
ATOM   423 C "C5'" . C   A 1 20 ? 0.396   10.588  3.997   1.00 35.99  ? 20  C   A "C5'" 1 
ATOM   424 C "C4'" . C   A 1 20 ? -0.895  11.233  3.566   1.00 38.42  ? 20  C   A "C4'" 1 
ATOM   425 O "O4'" . C   A 1 20 ? -0.707  12.102  2.407   1.00 34.76  ? 20  C   A "O4'" 1 
ATOM   426 C "C3'" . C   A 1 20 ? -1.980  10.277  3.103   1.00 36.65  ? 20  C   A "C3'" 1 
ATOM   427 O "O3'" . C   A 1 20 ? -2.542  9.748   4.266   1.00 34.62  ? 20  C   A "O3'" 1 
ATOM   428 C "C2'" . C   A 1 20 ? -2.898  11.217  2.348   1.00 32.51  ? 20  C   A "C2'" 1 
ATOM   429 O "O2'" . C   A 1 20 ? -3.682  12.003  3.226   1.00 37.81  ? 20  C   A "O2'" 1 
ATOM   430 C "C1'" . C   A 1 20 ? -1.873  12.051  1.591   1.00 34.31  ? 20  C   A "C1'" 1 
ATOM   431 N N1    . C   A 1 20 ? -1.502  11.512  0.261   1.00 34.97  ? 20  C   A N1    1 
ATOM   432 C C2    . C   A 1 20 ? -2.474  11.457  -0.752  1.00 33.85  ? 20  C   A C2    1 
ATOM   433 O O2    . C   A 1 20 ? -3.624  11.868  -0.511  1.00 36.61  ? 20  C   A O2    1 
ATOM   434 N N3    . C   A 1 20 ? -2.130  10.984  -1.966  1.00 32.09  ? 20  C   A N3    1 
ATOM   435 C C4    . C   A 1 20 ? -0.870  10.600  -2.202  1.00 31.50  ? 20  C   A C4    1 
ATOM   436 N N4    . C   A 1 20 ? -0.577  10.135  -3.414  1.00 29.89  ? 20  C   A N4    1 
ATOM   437 C C5    . C   A 1 20 ? 0.122   10.606  -1.182  1.00 32.31  ? 20  C   A C5    1 
ATOM   438 C C6    . C   A 1 20 ? -0.224  11.095  0.012   1.00 33.00  ? 20  C   A C6    1 
ATOM   439 P P     . C   A 1 21 ? -2.953  8.237   4.362   1.00 40.47  ? 21  C   A P     1 
ATOM   440 O OP1   . C   A 1 21 ? -3.063  7.951   5.788   1.00 40.49  ? 21  C   A OP1   1 
ATOM   441 O OP2   . C   A 1 21 ? -2.047  7.402   3.556   1.00 31.62  ? 21  C   A OP2   1 
ATOM   442 O "O5'" . C   A 1 21 ? -4.336  8.226   3.577   1.00 40.21  ? 21  C   A "O5'" 1 
ATOM   443 C "C5'" . C   A 1 21 ? -5.429  9.031   3.997   1.00 40.76  ? 21  C   A "C5'" 1 
ATOM   444 C "C4'" . C   A 1 21 ? -6.521  8.881   2.986   1.00 39.86  ? 21  C   A "C4'" 1 
ATOM   445 O "O4'" . C   A 1 21 ? -6.135  9.573   1.770   1.00 41.39  ? 21  C   A "O4'" 1 
ATOM   446 C "C3'" . C   A 1 21 ? -6.773  7.465   2.492   1.00 38.91  ? 21  C   A "C3'" 1 
ATOM   447 O "O3'" . C   A 1 21 ? -7.549  6.670   3.364   1.00 43.32  ? 21  C   A "O3'" 1 
ATOM   448 C "C2'" . C   A 1 21 ? -7.517  7.734   1.202   1.00 38.46  ? 21  C   A "C2'" 1 
ATOM   449 O "O2'" . C   A 1 21 ? -8.809  8.267   1.346   1.00 35.07  ? 21  C   A "O2'" 1 
ATOM   450 C "C1'" . C   A 1 21 ? -6.701  8.898   0.655   1.00 37.66  ? 21  C   A "C1'" 1 
ATOM   451 N N1    . C   A 1 21 ? -5.644  8.481   -0.274  1.00 30.96  ? 21  C   A N1    1 
ATOM   452 C C2    . C   A 1 21 ? -6.049  8.045   -1.537  1.00 31.51  ? 21  C   A C2    1 
ATOM   453 O O2    . C   A 1 21 ? -7.261  7.992   -1.790  1.00 29.21  ? 21  C   A O2    1 
ATOM   454 N N3    . C   A 1 21 ? -5.114  7.682   -2.445  1.00 29.89  ? 21  C   A N3    1 
ATOM   455 C C4    . C   A 1 21 ? -3.822  7.743   -2.128  1.00 27.39  ? 21  C   A C4    1 
ATOM   456 N N4    . C   A 1 21 ? -2.936  7.387   -3.061  1.00 30.75  ? 21  C   A N4    1 
ATOM   457 C C5    . C   A 1 21 ? -3.382  8.119   -0.822  1.00 27.20  ? 21  C   A C5    1 
ATOM   458 C C6    . C   A 1 21 ? -4.319  8.485   0.063   1.00 31.04  ? 21  C   A C6    1 
ATOM   459 P P     . C   A 1 22 ? -7.353  5.085   3.365   1.00 44.38  ? 22  C   A P     1 
ATOM   460 O OP1   . C   A 1 22 ? -7.955  4.567   4.616   1.00 51.51  ? 22  C   A OP1   1 
ATOM   461 O OP2   . C   A 1 22 ? -5.950  4.769   3.027   1.00 42.32  ? 22  C   A OP2   1 
ATOM   462 O "O5'" . C   A 1 22 ? -8.105  4.635   2.034   1.00 40.55  ? 22  C   A "O5'" 1 
ATOM   463 C "C5'" . C   A 1 22 ? -9.514  4.704   1.896   1.00 38.71  ? 22  C   A "C5'" 1 
ATOM   464 C "C4'" . C   A 1 22 ? -9.895  4.241   0.513   1.00 38.46  ? 22  C   A "C4'" 1 
ATOM   465 O "O4'" . C   A 1 22 ? -9.261  5.078   -0.494  1.00 36.73  ? 22  C   A "O4'" 1 
ATOM   466 C "C3'" . C   A 1 22 ? -9.444  2.844   0.099   1.00 33.88  ? 22  C   A "C3'" 1 
ATOM   467 O "O3'" . C   A 1 22 ? -10.255 1.816   0.656   1.00 33.19  ? 22  C   A "O3'" 1 
ATOM   468 C "C2'" . C   A 1 22 ? -9.643  2.940   -1.397  1.00 32.39  ? 22  C   A "C2'" 1 
ATOM   469 O "O2'" . C   A 1 22 ? -10.985 3.017   -1.772  1.00 34.61  ? 22  C   A "O2'" 1 
ATOM   470 C "C1'" . C   A 1 22 ? -9.053  4.312   -1.674  1.00 32.59  ? 22  C   A "C1'" 1 
ATOM   471 N N1    . C   A 1 22 ? -7.603  4.236   -1.975  1.00 34.00  ? 22  C   A N1    1 
ATOM   472 C C2    . C   A 1 22 ? -7.219  3.809   -3.251  1.00 30.35  ? 22  C   A C2    1 
ATOM   473 O O2    . C   A 1 22 ? -8.097  3.476   -4.059  1.00 30.86  ? 22  C   A O2    1 
ATOM   474 N N3    . C   A 1 22 ? -5.906  3.802   -3.584  1.00 31.59  ? 22  C   A N3    1 
ATOM   475 C C4    . C   A 1 22 ? -4.989  4.139   -2.674  1.00 35.58  ? 22  C   A C4    1 
ATOM   476 N N4    . C   A 1 22 ? -3.698  4.076   -3.033  1.00 35.00  ? 22  C   A N4    1 
ATOM   477 C C5    . C   A 1 22 ? -5.351  4.562   -1.357  1.00 36.32  ? 22  C   A C5    1 
ATOM   478 C C6    . C   A 1 22 ? -6.656  4.568   -1.044  1.00 31.02  ? 22  C   A C6    1 
ATOM   479 P P     . G   A 1 23 ? -9.708  0.316   0.743   1.00 34.33  ? 23  G   A P     1 
ATOM   480 O OP1   . G   A 1 23 ? -10.642 -0.444  1.603   1.00 37.01  ? 23  G   A OP1   1 
ATOM   481 O OP2   . G   A 1 23 ? -8.275  0.314   1.002   1.00 36.01  ? 23  G   A OP2   1 
ATOM   482 O "O5'" . G   A 1 23 ? -9.790  -0.201  -0.771  1.00 28.54  ? 23  G   A "O5'" 1 
ATOM   483 C "C5'" . G   A 1 23 ? -11.041 -0.463  -1.375  1.00 28.50  ? 23  G   A "C5'" 1 
ATOM   484 C "C4'" . G   A 1 23 ? -10.852 -0.921  -2.794  1.00 28.00  ? 23  G   A "C4'" 1 
ATOM   485 O "O4'" . G   A 1 23 ? -10.166 0.082   -3.586  1.00 30.08  ? 23  G   A "O4'" 1 
ATOM   486 C "C3'" . G   A 1 23 ? -9.976  -2.156  -2.947  1.00 26.00  ? 23  G   A "C3'" 1 
ATOM   487 O "O3'" . G   A 1 23 ? -10.729 -3.316  -2.626  1.00 23.84  ? 23  G   A "O3'" 1 
ATOM   488 C "C2'" . G   A 1 23 ? -9.643  -2.065  -4.414  1.00 26.99  ? 23  G   A "C2'" 1 
ATOM   489 O "O2'" . G   A 1 23 ? -10.739 -2.421  -5.245  1.00 26.22  ? 23  G   A "O2'" 1 
ATOM   490 C "C1'" . G   A 1 23 ? -9.304  -0.586  -4.506  1.00 26.58  ? 23  G   A "C1'" 1 
ATOM   491 N N9    . G   A 1 23 ? -7.911  -0.273  -4.181  1.00 24.97  ? 23  G   A N9    1 
ATOM   492 C C8    . G   A 1 23 ? -7.381  0.260   -3.030  1.00 21.14  ? 23  G   A C8    1 
ATOM   493 N N7    . G   A 1 23 ? -6.085  0.412   -3.086  1.00 23.05  ? 23  G   A N7    1 
ATOM   494 C C5    . G   A 1 23 ? -5.735  -0.070  -4.340  1.00 24.42  ? 23  G   A C5    1 
ATOM   495 C C6    . G   A 1 23 ? -4.475  -0.149  -4.978  1.00 26.33  ? 23  G   A C6    1 
ATOM   496 O O6    . G   A 1 23 ? -3.383  0.232   -4.572  1.00 25.08  ? 23  G   A O6    1 
ATOM   497 N N1    . G   A 1 23 ? -4.579  -0.697  -6.250  1.00 26.72  ? 23  G   A N1    1 
ATOM   498 C C2    . G   A 1 23 ? -5.734  -1.151  -6.818  1.00 23.68  ? 23  G   A C2    1 
ATOM   499 N N2    . G   A 1 23 ? -5.628  -1.627  -8.068  1.00 24.72  ? 23  G   A N2    1 
ATOM   500 N N3    . G   A 1 23 ? -6.919  -1.062  -6.245  1.00 23.12  ? 23  G   A N3    1 
ATOM   501 C C4    . G   A 1 23 ? -6.846  -0.521  -5.017  1.00 23.57  ? 23  G   A C4    1 
ATOM   502 P P     . U   A 1 24 ? -10.049 -4.534  -1.886  1.00 26.89  ? 24  U   A P     1 
ATOM   503 O OP1   . U   A 1 24 ? -11.097 -5.526  -1.618  1.00 26.03  ? 24  U   A OP1   1 
ATOM   504 O OP2   . U   A 1 24 ? -9.180  -4.042  -0.780  1.00 26.44  ? 24  U   A OP2   1 
ATOM   505 O "O5'" . U   A 1 24 ? -8.961  -5.081  -2.931  1.00 23.49  ? 24  U   A "O5'" 1 
ATOM   506 C "C5'" . U   A 1 24 ? -9.391  -5.636  -4.192  1.00 26.13  ? 24  U   A "C5'" 1 
ATOM   507 C "C4'" . U   A 1 24 ? -8.224  -5.933  -5.106  1.00 23.80  ? 24  U   A "C4'" 1 
ATOM   508 O "O4'" . U   A 1 24 ? -7.604  -4.705  -5.574  1.00 23.14  ? 24  U   A "O4'" 1 
ATOM   509 C "C3'" . U   A 1 24 ? -7.068  -6.703  -4.512  1.00 24.61  ? 24  U   A "C3'" 1 
ATOM   510 O "O3'" . U   A 1 24 ? -7.444  -8.060  -4.430  1.00 24.14  ? 24  U   A "O3'" 1 
ATOM   511 C "C2'" . U   A 1 24 ? -5.973  -6.400  -5.532  1.00 22.81  ? 24  U   A "C2'" 1 
ATOM   512 O "O2'" . U   A 1 24 ? -6.213  -6.942  -6.824  1.00 24.66  ? 24  U   A "O2'" 1 
ATOM   513 C "C1'" . U   A 1 24 ? -6.200  -4.898  -5.720  1.00 25.63  ? 24  U   A "C1'" 1 
ATOM   514 N N1    . U   A 1 24 ? -5.450  -4.062  -4.751  1.00 26.82  ? 24  U   A N1    1 
ATOM   515 C C2    . U   A 1 24 ? -4.126  -3.839  -5.069  1.00 26.60  ? 24  U   A C2    1 
ATOM   516 O O2    . U   A 1 24 ? -3.615  -4.277  -6.080  1.00 25.38  ? 24  U   A O2    1 
ATOM   517 N N3    . U   A 1 24 ? -3.413  -3.136  -4.131  1.00 23.05  ? 24  U   A N3    1 
ATOM   518 C C4    . U   A 1 24 ? -3.884  -2.620  -2.939  1.00 27.59  ? 24  U   A C4    1 
ATOM   519 O O4    . U   A 1 24 ? -3.114  -1.993  -2.194  1.00 22.86  ? 24  U   A O4    1 
ATOM   520 C C5    . U   A 1 24 ? -5.254  -2.922  -2.668  1.00 24.23  ? 24  U   A C5    1 
ATOM   521 C C6    . U   A 1 24 ? -5.974  -3.610  -3.565  1.00 26.14  ? 24  U   A C6    1 
ATOM   522 P P     . C   A 1 25 ? -6.832  -9.019  -3.314  1.00 25.63  ? 25  C   A P     1 
ATOM   523 O OP1   . C   A 1 25 ? -7.742  -10.178 -3.248  1.00 19.47  ? 25  C   A OP1   1 
ATOM   524 O OP2   . C   A 1 25 ? -6.504  -8.258  -2.092  1.00 22.36  ? 25  C   A OP2   1 
ATOM   525 O "O5'" . C   A 1 25 ? -5.353  -9.404  -3.780  1.00 22.03  ? 25  C   A "O5'" 1 
ATOM   526 C "C5'" . C   A 1 25 ? -5.195  -10.072 -5.048  1.00 22.67  ? 25  C   A "C5'" 1 
ATOM   527 C "C4'" . C   A 1 25 ? -3.801  -9.925  -5.636  1.00 23.90  ? 25  C   A "C4'" 1 
ATOM   528 O "O4'" . C   A 1 25 ? -3.507  -8.540  -5.940  1.00 23.36  ? 25  C   A "O4'" 1 
ATOM   529 C "C3'" . C   A 1 25 ? -2.622  -10.416 -4.829  1.00 22.18  ? 25  C   A "C3'" 1 
ATOM   530 O "O3'" . C   A 1 25 ? -2.503  -11.838 -4.857  1.00 20.79  ? 25  C   A "O3'" 1 
ATOM   531 C "C2'" . C   A 1 25 ? -1.474  -9.665  -5.519  1.00 23.53  ? 25  C   A "C2'" 1 
ATOM   532 O "O2'" . C   A 1 25 ? -1.186  -10.128 -6.802  1.00 20.55  ? 25  C   A "O2'" 1 
ATOM   533 C "C1'" . C   A 1 25 ? -2.119  -8.301  -5.759  1.00 22.78  ? 25  C   A "C1'" 1 
ATOM   534 N N1    . C   A 1 25 ? -1.932  -7.378  -4.631  1.00 20.33  ? 25  C   A N1    1 
ATOM   535 C C2    . C   A 1 25 ? -0.723  -6.678  -4.552  1.00 23.42  ? 25  C   A C2    1 
ATOM   536 O O2    . C   A 1 25 ? 0.157   -6.919  -5.387  1.00 20.27  ? 25  C   A O2    1 
ATOM   537 N N3    . C   A 1 25 ? -0.510  -5.844  -3.505  1.00 21.26  ? 25  C   A N3    1 
ATOM   538 C C4    . C   A 1 25 ? -1.502  -5.592  -2.647  1.00 26.76  ? 25  C   A C4    1 
ATOM   539 N N4    . C   A 1 25 ? -1.267  -4.741  -1.644  1.00 22.93  ? 25  C   A N4    1 
ATOM   540 C C5    . C   A 1 25 ? -2.753  -6.275  -2.721  1.00 22.42  ? 25  C   A C5    1 
ATOM   541 C C6    . C   A 1 25 ? -2.928  -7.133  -3.730  1.00 22.17  ? 25  C   A C6    1 
ATOM   542 P P     . C   A 1 26 ? -1.921  -12.597 -3.604  1.00 22.03  ? 26  C   A P     1 
ATOM   543 O OP1   . C   A 1 26 ? -2.006  -14.032 -3.893  1.00 22.52  ? 26  C   A OP1   1 
ATOM   544 O OP2   . C   A 1 26 ? -2.603  -12.008 -2.426  1.00 20.89  ? 26  C   A OP2   1 
ATOM   545 O "O5'" . C   A 1 26 ? -0.369  -12.200 -3.616  1.00 23.69  ? 26  C   A "O5'" 1 
ATOM   546 C "C5'" . C   A 1 26 ? 0.512   -12.895 -4.516  1.00 17.78  ? 26  C   A "C5'" 1 
ATOM   547 C "C4'" . C   A 1 26 ? 1.882   -12.268 -4.523  1.00 20.00  ? 26  C   A "C4'" 1 
ATOM   548 O "O4'" . C   A 1 26 ? 1.849   -10.826 -4.775  1.00 20.81  ? 26  C   A "O4'" 1 
ATOM   549 C "C3'" . C   A 1 26 ? 2.631   -12.367 -3.211  1.00 19.07  ? 26  C   A "C3'" 1 
ATOM   550 O "O3'" . C   A 1 26 ? 3.082   -13.686 -3.025  1.00 20.68  ? 26  C   A "O3'" 1 
ATOM   551 C "C2'" . C   A 1 26 ? 3.727   -11.364 -3.455  1.00 21.52  ? 26  C   A "C2'" 1 
ATOM   552 O "O2'" . C   A 1 26 ? 4.659   -11.900 -4.371  1.00 22.65  ? 26  C   A "O2'" 1 
ATOM   553 C "C1'" . C   A 1 26 ? 2.899   -10.225 -4.032  1.00 22.28  ? 26  C   A "C1'" 1 
ATOM   554 N N1    . C   A 1 26 ? 2.315   -9.340  -3.002  1.00 21.11  ? 26  C   A N1    1 
ATOM   555 C C2    . C   A 1 26 ? 3.149   -8.397  -2.406  1.00 23.33  ? 26  C   A C2    1 
ATOM   556 O O2    . C   A 1 26 ? 4.357   -8.371  -2.726  1.00 21.10  ? 26  C   A O2    1 
ATOM   557 N N3    . C   A 1 26 ? 2.636   -7.544  -1.488  1.00 23.61  ? 26  C   A N3    1 
ATOM   558 C C4    . C   A 1 26 ? 1.355   -7.629  -1.141  1.00 22.21  ? 26  C   A C4    1 
ATOM   559 N N4    . C   A 1 26 ? 0.906   -6.767  -0.233  1.00 22.34  ? 26  C   A N4    1 
ATOM   560 C C5    . C   A 1 26 ? 0.471   -8.570  -1.747  1.00 24.51  ? 26  C   A C5    1 
ATOM   561 C C6    . C   A 1 26 ? 1.002   -9.432  -2.633  1.00 22.17  ? 26  C   A C6    1 
ATOM   562 P P     . G   A 1 27 ? 3.511   -14.223 -1.575  1.00 23.28  ? 27  G   A P     1 
ATOM   563 O OP1   . G   A 1 27 ? 3.814   -15.671 -1.711  1.00 23.40  ? 27  G   A OP1   1 
ATOM   564 O OP2   . G   A 1 27 ? 2.606   -13.736 -0.555  1.00 24.42  ? 27  G   A OP2   1 
ATOM   565 O "O5'" . G   A 1 27 ? 4.873   -13.435 -1.250  1.00 20.92  ? 27  G   A "O5'" 1 
ATOM   566 C "C5'" . G   A 1 27 ? 6.106   -13.607 -1.971  1.00 21.23  ? 27  G   A "C5'" 1 
ATOM   567 C "C4'" . G   A 1 27 ? 7.117   -12.580 -1.472  1.00 22.78  ? 27  G   A "C4'" 1 
ATOM   568 O "O4'" . G   A 1 27 ? 6.612   -11.224 -1.669  1.00 24.73  ? 27  G   A "O4'" 1 
ATOM   569 C "C3'" . G   A 1 27 ? 7.366   -12.618 0.031   1.00 22.79  ? 27  G   A "C3'" 1 
ATOM   570 O "O3'" . G   A 1 27 ? 8.288   -13.609 0.349   1.00 21.63  ? 27  G   A "O3'" 1 
ATOM   571 C "C2'" . G   A 1 27 ? 7.973   -11.267 0.263   1.00 23.23  ? 27  G   A "C2'" 1 
ATOM   572 O "O2'" . G   A 1 27 ? 9.271   -11.106 -0.274  1.00 24.25  ? 27  G   A "O2'" 1 
ATOM   573 C "C1'" . G   A 1 27 ? 7.020   -10.426 -0.559  1.00 23.12  ? 27  G   A "C1'" 1 
ATOM   574 N N9    . G   A 1 27 ? 5.857   -9.986  0.187   1.00 20.49  ? 27  G   A N9    1 
ATOM   575 C C8    . G   A 1 27 ? 4.547   -10.399 0.087   1.00 20.45  ? 27  G   A C8    1 
ATOM   576 N N7    . G   A 1 27 ? 3.744   -9.748  0.883   1.00 20.82  ? 27  G   A N7    1 
ATOM   577 C C5    . G   A 1 27 ? 4.575   -8.845  1.545   1.00 19.46  ? 27  G   A C5    1 
ATOM   578 C C6    . G   A 1 27 ? 4.263   -7.840  2.488   1.00 21.42  ? 27  G   A C6    1 
ATOM   579 O O6    . G   A 1 27 ? 3.155   -7.552  2.968   1.00 20.99  ? 27  G   A O6    1 
ATOM   580 N N1    . G   A 1 27 ? 5.400   -7.130  2.882   1.00 20.71  ? 27  G   A N1    1 
ATOM   581 C C2    . G   A 1 27 ? 6.674   -7.360  2.424   1.00 22.56  ? 27  G   A C2    1 
ATOM   582 N N2    . G   A 1 27 ? 7.645   -6.551  2.912   1.00 24.18  ? 27  G   A N2    1 
ATOM   583 N N3    . G   A 1 27 ? 6.968   -8.270  1.502   1.00 19.28  ? 27  G   A N3    1 
ATOM   584 C C4    . G   A 1 27 ? 5.879   -8.984  1.129   1.00 20.61  ? 27  G   A C4    1 
ATOM   585 P P     . U   A 1 28 ? 8.171   -14.412 1.681   1.00 27.18  ? 28  U   A P     1 
ATOM   586 O OP1   . U   A 1 28 ? 9.204   -15.484 1.624   1.00 26.50  ? 28  U   A OP1   1 
ATOM   587 O OP2   . U   A 1 28 ? 6.766   -14.764 1.941   1.00 23.35  ? 28  U   A OP2   1 
ATOM   588 O "O5'" . U   A 1 28 ? 8.621   -13.403 2.836   1.00 23.96  ? 28  U   A "O5'" 1 
ATOM   589 C "C5'" . U   A 1 28 ? 9.958   -12.847 2.819   1.00 26.29  ? 28  U   A "C5'" 1 
ATOM   590 C "C4'" . U   A 1 28 ? 10.009  -11.658 3.750   1.00 27.47  ? 28  U   A "C4'" 1 
ATOM   591 O "O4'" . U   A 1 28 ? 9.051   -10.632 3.316   1.00 24.94  ? 28  U   A "O4'" 1 
ATOM   592 C "C3'" . U   A 1 28 ? 9.612   -11.954 5.178   1.00 27.12  ? 28  U   A "C3'" 1 
ATOM   593 O "O3'" . U   A 1 28 ? 10.704  -12.513 5.895   1.00 31.04  ? 28  U   A "O3'" 1 
ATOM   594 C "C2'" . U   A 1 28 ? 9.213   -10.571 5.678   1.00 26.50  ? 28  U   A "C2'" 1 
ATOM   595 O "O2'" . U   A 1 28 ? 10.381  -9.833  6.018   1.00 27.33  ? 28  U   A "O2'" 1 
ATOM   596 C "C1'" . U   A 1 28 ? 8.503   -9.988  4.442   1.00 25.14  ? 28  U   A "C1'" 1 
ATOM   597 N N1    . U   A 1 28 ? 7.038   -10.170 4.449   1.00 22.47  ? 28  U   A N1    1 
ATOM   598 C C2    . U   A 1 28 ? 6.309   -9.280  5.228   1.00 24.25  ? 28  U   A C2    1 
ATOM   599 O O2    . U   A 1 28 ? 6.832   -8.378  5.860   1.00 22.67  ? 28  U   A O2    1 
ATOM   600 N N3    . U   A 1 28 ? 4.952   -9.512  5.259   1.00 19.18  ? 28  U   A N3    1 
ATOM   601 C C4    . U   A 1 28 ? 4.258   -10.508 4.581   1.00 25.68  ? 28  U   A C4    1 
ATOM   602 O O4    . U   A 1 28 ? 3.017   -10.591 4.698   1.00 20.95  ? 28  U   A O4    1 
ATOM   603 C C5    . U   A 1 28 ? 5.096   -11.415 3.843   1.00 22.18  ? 28  U   A C5    1 
ATOM   604 C C6    . U   A 1 28 ? 6.420   -11.217 3.802   1.00 22.28  ? 28  U   A C6    1 
ATOM   605 P P     . U   A 1 29 ? 10.428  -13.401 7.171   1.00 33.67  ? 29  U   A P     1 
ATOM   606 O OP1   . U   A 1 29 ? 11.614  -14.170 7.435   1.00 42.24  ? 29  U   A OP1   1 
ATOM   607 O OP2   . U   A 1 29 ? 9.128   -14.079 6.994   1.00 31.62  ? 29  U   A OP2   1 
ATOM   608 O "O5'" . U   A 1 29 ? 10.170  -12.340 8.352   1.00 29.18  ? 29  U   A "O5'" 1 
ATOM   609 C "C5'" . U   A 1 29 ? 11.214  -11.484 8.873   1.00 28.62  ? 29  U   A "C5'" 1 
ATOM   610 C "C4'" . U   A 1 29 ? 10.647  -10.561 9.919   1.00 29.38  ? 29  U   A "C4'" 1 
ATOM   611 O "O4'" . U   A 1 29 ? 9.654   -9.702  9.296   1.00 28.00  ? 29  U   A "O4'" 1 
ATOM   612 C "C3'" . U   A 1 29 ? 9.862   -11.215 11.043  1.00 28.67  ? 29  U   A "C3'" 1 
ATOM   613 O "O3'" . U   A 1 29 ? 10.609  -11.783 12.108  1.00 33.58  ? 29  U   A "O3'" 1 
ATOM   614 C "C2'" . U   A 1 29 ? 9.030   -10.052 11.539  1.00 32.43  ? 29  U   A "C2'" 1 
ATOM   615 O "O2'" . U   A 1 29 ? 9.800   -9.095  12.221  1.00 27.93  ? 29  U   A "O2'" 1 
ATOM   616 C "C1'" . U   A 1 29 ? 8.626   -9.404  10.218  1.00 28.03  ? 29  U   A "C1'" 1 
ATOM   617 N N1    . U   A 1 29 ? 7.322   -9.815  9.676   1.00 27.73  ? 29  U   A N1    1 
ATOM   618 C C2    . U   A 1 29 ? 6.212   -9.172  10.200  1.00 27.93  ? 29  U   A C2    1 
ATOM   619 O O2    . U   A 1 29 ? 6.284   -8.360  11.101  1.00 25.78  ? 29  U   A O2    1 
ATOM   620 N N3    . U   A 1 29 ? 5.010   -9.573  9.680   1.00 25.42  ? 29  U   A N3    1 
ATOM   621 C C4    . U   A 1 29 ? 4.803   -10.460 8.654   1.00 28.59  ? 29  U   A C4    1 
ATOM   622 O O4    . U   A 1 29 ? 3.654   -10.654 8.239   1.00 27.50  ? 29  U   A O4    1 
ATOM   623 C C5    . U   A 1 29 ? 5.991   -11.089 8.172   1.00 25.57  ? 29  U   A C5    1 
ATOM   624 C C6    . U   A 1 29 ? 7.185   -10.740 8.675   1.00 24.06  ? 29  U   A C6    1 
ATOM   625 P P     . C   A 1 30 ? 10.040  -13.123 12.826  1.00 35.03  ? 30  C   A P     1 
ATOM   626 O OP1   . C   A 1 30 ? 11.116  -13.637 13.701  1.00 43.27  ? 30  C   A OP1   1 
ATOM   627 O OP2   . C   A 1 30 ? 9.355   -13.962 11.803  1.00 33.88  ? 30  C   A OP2   1 
ATOM   628 O "O5'" . C   A 1 30 ? 8.885   -12.561 13.778  1.00 29.01  ? 30  C   A "O5'" 1 
ATOM   629 C "C5'" . C   A 1 30 ? 9.279   -11.710 14.864  1.00 24.72  ? 30  C   A "C5'" 1 
ATOM   630 C "C4'" . C   A 1 30 ? 8.096   -10.969 15.467  1.00 26.26  ? 30  C   A "C4'" 1 
ATOM   631 O "O4'" . C   A 1 30 ? 7.386   -10.160 14.485  1.00 28.21  ? 30  C   A "O4'" 1 
ATOM   632 C "C3'" . C   A 1 30 ? 7.008   -11.848 16.028  1.00 22.31  ? 30  C   A "C3'" 1 
ATOM   633 O "O3'" . C   A 1 30 ? 7.430   -12.374 17.262  1.00 23.61  ? 30  C   A "O3'" 1 
ATOM   634 C "C2'" . C   A 1 30 ? 5.895   -10.842 16.179  1.00 24.54  ? 30  C   A "C2'" 1 
ATOM   635 O "O2'" . C   A 1 30 ? 6.074   -9.993  17.286  1.00 25.68  ? 30  C   A "O2'" 1 
ATOM   636 C "C1'" . C   A 1 30 ? 5.995   -10.137 14.835  1.00 26.32  ? 30  C   A "C1'" 1 
ATOM   637 N N1    . C   A 1 30 ? 5.224   -10.803 13.771  1.00 25.82  ? 30  C   A N1    1 
ATOM   638 C C2    . C   A 1 30 ? 3.852   -10.579 13.727  1.00 25.32  ? 30  C   A C2    1 
ATOM   639 O O2    . C   A 1 30 ? 3.339   -9.840  14.587  1.00 27.82  ? 30  C   A O2    1 
ATOM   640 N N3    . C   A 1 30 ? 3.128   -11.113 12.714  1.00 24.64  ? 30  C   A N3    1 
ATOM   641 C C4    . C   A 1 30 ? 3.711   -11.927 11.836  1.00 29.35  ? 30  C   A C4    1 
ATOM   642 N N4    . C   A 1 30 ? 2.954   -12.449 10.878  1.00 31.93  ? 30  C   A N4    1 
ATOM   643 C C5    . C   A 1 30 ? 5.113   -12.195 11.872  1.00 30.06  ? 30  C   A C5    1 
ATOM   644 C C6    . C   A 1 30 ? 5.819   -11.637 12.866  1.00 25.46  ? 30  C   A C6    1 
ATOM   645 P P     . C   A 1 31 ? 6.985   -13.877 17.723  1.00 26.39  ? 31  C   A P     1 
ATOM   646 O OP1   . C   A 1 31 ? 7.691   -14.128 18.988  1.00 24.05  ? 31  C   A OP1   1 
ATOM   647 O OP2   . C   A 1 31 ? 7.089   -14.800 16.580  1.00 24.21  ? 31  C   A OP2   1 
ATOM   648 O "O5'" . C   A 1 31 ? 5.414   -13.720 17.943  1.00 23.60  ? 31  C   A "O5'" 1 
ATOM   649 C "C5'" . C   A 1 31 ? 5.017   -12.946 19.065  1.00 24.18  ? 31  C   A "C5'" 1 
ATOM   650 C "C4'" . C   A 1 31 ? 3.540   -12.703 19.081  1.00 25.68  ? 31  C   A "C4'" 1 
ATOM   651 O "O4'" . C   A 1 31 ? 3.119   -12.042 17.871  1.00 24.20  ? 31  C   A "O4'" 1 
ATOM   652 C "C3'" . C   A 1 31 ? 2.660   -13.938 19.132  1.00 25.68  ? 31  C   A "C3'" 1 
ATOM   653 O "O3'" . C   A 1 31 ? 2.705   -14.409 20.479  1.00 29.20  ? 31  C   A "O3'" 1 
ATOM   654 C "C2'" . C   A 1 31 ? 1.351   -13.333 18.728  1.00 25.79  ? 31  C   A "C2'" 1 
ATOM   655 O "O2'" . C   A 1 31 ? 0.750   -12.647 19.813  1.00 26.14  ? 31  C   A "O2'" 1 
ATOM   656 C "C1'" . C   A 1 31 ? 1.796   -12.394 17.597  1.00 24.05  ? 31  C   A "C1'" 1 
ATOM   657 N N1    . C   A 1 31 ? 1.752   -13.034 16.276  1.00 22.12  ? 31  C   A N1    1 
ATOM   658 C C2    . C   A 1 31 ? 0.511   -13.158 15.675  1.00 21.94  ? 31  C   A C2    1 
ATOM   659 O O2    . C   A 1 31 ? -0.464  -12.604 16.209  1.00 24.97  ? 31  C   A O2    1 
ATOM   660 N N3    . C   A 1 31 ? 0.418   -13.752 14.463  1.00 21.58  ? 31  C   A N3    1 
ATOM   661 C C4    . C   A 1 31 ? 1.496   -14.301 13.908  1.00 24.46  ? 31  C   A C4    1 
ATOM   662 N N4    . C   A 1 31 ? 1.356   -14.877 12.719  1.00 25.92  ? 31  C   A N4    1 
ATOM   663 C C5    . C   A 1 31 ? 2.781   -14.222 14.519  1.00 23.41  ? 31  C   A C5    1 
ATOM   664 C C6    . C   A 1 31 ? 2.850   -13.632 15.722  1.00 23.84  ? 31  C   A C6    1 
HETATM 665 S S     . SO4 B 2 .  ? -1.936  -6.326  -12.415 0.33 34.35  ? 101 SO4 A S     1 
HETATM 666 O O1    . SO4 B 2 .  ? -3.269  -6.737  -11.995 0.33 35.32  ? 101 SO4 A O1    1 
HETATM 667 O O2    . SO4 B 2 .  ? -1.305  -7.386  -13.190 0.33 35.33  ? 101 SO4 A O2    1 
HETATM 668 O O3    . SO4 B 2 .  ? -1.122  -6.005  -11.250 0.33 35.31  ? 101 SO4 A O3    1 
HETATM 669 O O4    . SO4 B 2 .  ? -2.049  -5.163  -13.231 0.33 43.99  ? 101 SO4 A O4    1 
HETATM 670 O O     . HOH C 3 .  ? -4.073  5.173   1.827   1.00 41.33  ? 201 HOH A O     1 
HETATM 671 O O     . HOH C 3 .  ? -3.291  -0.292  14.346  1.00 36.91  ? 202 HOH A O     1 
HETATM 672 O O     . HOH C 3 .  ? 6.694   -13.840 6.564   1.00 37.28  ? 203 HOH A O     1 
HETATM 673 O O     . HOH C 3 .  ? 0.256   7.203   0.922   1.00 41.03  ? 204 HOH A O     1 
HETATM 674 O O     . HOH C 3 .  ? -9.481  -19.123 10.110  1.00 44.64  ? 205 HOH A O     1 
HETATM 675 O O     . HOH C 3 .  ? -10.022 -10.179 -4.405  1.00 29.62  ? 206 HOH A O     1 
HETATM 676 O O     . HOH C 3 .  ? 2.552   9.380   -3.841  1.00 41.98  ? 207 HOH A O     1 
HETATM 677 O O     . HOH C 3 .  ? 12.231  -1.023  -0.538  1.00 36.76  ? 208 HOH A O     1 
HETATM 678 O O     . HOH C 3 .  ? -3.160  9.845   7.569   1.00 35.97  ? 209 HOH A O     1 
HETATM 679 O O     . HOH C 3 .  ? -9.297  10.623  -3.189  1.00 51.69  ? 210 HOH A O     1 
HETATM 680 O O     . HOH C 3 .  ? 1.255   -12.013 3.393   1.00 39.82  ? 211 HOH A O     1 
HETATM 681 O O     . HOH C 3 .  ? 1.662   -5.511  -12.276 1.00 24.55  ? 212 HOH A O     1 
HETATM 682 O O     . HOH C 3 .  ? 3.773   -7.691  -6.492  1.00 31.24  ? 213 HOH A O     1 
HETATM 683 O O     . HOH C 3 .  ? -0.208  -6.140  7.361   1.00 28.71  ? 214 HOH A O     1 
HETATM 684 O O     . HOH C 3 .  ? -4.153  -6.584  -8.432  1.00 30.73  ? 215 HOH A O     1 
HETATM 685 O O     . HOH C 3 .  ? -6.869  -12.745 15.790  1.00 40.10  ? 216 HOH A O     1 
HETATM 686 O O     . HOH C 3 .  ? 0.861   -8.491  -7.405  1.00 30.91  ? 217 HOH A O     1 
HETATM 687 O O     . HOH C 3 .  ? -5.043  -12.950 -1.832  1.00 25.02  ? 218 HOH A O     1 
HETATM 688 O O     . HOH C 3 .  ? 2.375   4.104   8.184   1.00 34.26  ? 219 HOH A O     1 
HETATM 689 O O     . HOH C 3 .  ? 0.566   -8.277  3.086   1.00 34.64  ? 220 HOH A O     1 
HETATM 690 O O     . HOH C 3 .  ? 6.165   -6.211  -5.386  1.00 27.35  ? 221 HOH A O     1 
HETATM 691 O O     . HOH C 3 .  ? -0.150  1.619   9.166   1.00 28.43  ? 222 HOH A O     1 
HETATM 692 O O     . HOH C 3 .  ? -2.370  -1.883  -15.522 0.33 18.07  ? 223 HOH A O     1 
HETATM 693 O O     . HOH C 3 .  ? 0.104   3.106   -8.539  1.00 32.33  ? 224 HOH A O     1 
HETATM 694 O O     . HOH C 3 .  ? 1.988   -0.384  -4.134  1.00 36.29  ? 225 HOH A O     1 
HETATM 695 O O     . HOH C 3 .  ? 1.588   -11.391 0.710   1.00 38.43  ? 226 HOH A O     1 
HETATM 696 O O     . HOH C 3 .  ? 2.458   2.647   -14.320 1.00 33.23  ? 227 HOH A O     1 
HETATM 697 O O     . HOH C 3 .  ? -1.238  -4.540  9.230   1.00 35.81  ? 228 HOH A O     1 
HETATM 698 O O     . HOH C 3 .  ? 4.081   3.331   5.288   1.00 41.79  ? 229 HOH A O     1 
HETATM 699 O O     . HOH C 3 .  ? 0.746   -3.261  1.583   1.00 33.45  ? 230 HOH A O     1 
HETATM 700 O O     . HOH C 3 .  ? 7.312   -10.396 19.699  0.33 23.95  ? 231 HOH A O     1 
HETATM 701 O O     . HOH C 3 .  ? -12.930 -4.051  -4.929  1.00 29.73  ? 232 HOH A O     1 
HETATM 702 O O     . HOH C 3 .  ? -0.340  -0.999  -2.778  1.00 29.68  ? 233 HOH A O     1 
HETATM 703 O O     . HOH C 3 .  ? 2.994   -0.469  0.369   1.00 30.92  ? 234 HOH A O     1 
HETATM 704 O O     . HOH C 3 .  ? -8.551  -11.008 -0.735  1.00 41.01  ? 235 HOH A O     1 
HETATM 705 O O     . HOH C 3 .  ? -2.606  0.534   -17.212 0.33 27.35  ? 236 HOH A O     1 
HETATM 706 O O     . HOH C 3 .  ? -6.542  -5.906  -0.633  1.00 35.56  ? 237 HOH A O     1 
HETATM 707 O O     . HOH C 3 .  ? 3.690   0.857   -7.676  1.00 36.38  ? 238 HOH A O     1 
HETATM 708 O O     . HOH C 3 .  ? 7.567   -13.009 21.526  0.33 29.76  ? 239 HOH A O     1 
HETATM 709 O O     . HOH C 3 .  ? 2.421   -1.832  2.912   1.00 37.60  ? 240 HOH A O     1 
HETATM 710 O O     . HOH C 3 .  ? 13.051  -10.500 5.573   1.00 41.01  ? 241 HOH A O     1 
HETATM 711 O O     . HOH C 3 .  ? -3.236  -15.980 -2.324  1.00 27.49  ? 242 HOH A O     1 
HETATM 712 O O     . HOH C 3 .  ? 9.427   -7.237  6.383   1.00 28.75  ? 243 HOH A O     1 
HETATM 713 O O     . HOH C 3 .  ? -7.212  -2.249  0.081   1.00 37.98  ? 244 HOH A O     1 
HETATM 714 O O     . HOH C 3 .  ? 5.955   3.516   9.970   0.33 24.17  ? 245 HOH A O     1 
HETATM 715 O O     . HOH C 3 .  ? -0.991  -16.007 -5.645  0.33 18.17  ? 246 HOH A O     1 
HETATM 716 O O     . HOH C 3 .  ? 1.554   -12.675 22.545  1.00 43.73  ? 247 HOH A O     1 
HETATM 717 O O     . HOH C 3 .  ? 1.026   -8.437  5.681   1.00 29.28  ? 248 HOH A O     1 
HETATM 718 O O     . HOH C 3 .  ? -8.042  12.314  -0.724  1.00 50.92  ? 249 HOH A O     1 
HETATM 719 O O     . HOH C 3 .  ? -1.298  -10.358 8.337   1.00 37.56  ? 250 HOH A O     1 
HETATM 720 O O     . HOH C 3 .  ? 1.904   2.154   -10.654 1.00 28.11  ? 251 HOH A O     1 
HETATM 721 O O     . HOH C 3 .  ? 7.205   -1.749  -12.936 1.00 28.66  ? 252 HOH A O     1 
HETATM 722 O O     . HOH C 3 .  ? -0.020  -4.369  5.475   1.00 31.22  ? 253 HOH A O     1 
HETATM 723 O O     . HOH C 3 .  ? 3.981   -14.047 2.085   1.00 35.55  ? 254 HOH A O     1 
HETATM 724 O O     . HOH C 3 .  ? 0.737   -2.236  7.617   1.00 36.56  ? 255 HOH A O     1 
HETATM 725 O O     . HOH C 3 .  ? -1.302  -12.820 -7.874  0.33 25.81  ? 256 HOH A O     1 
HETATM 726 O O     . HOH C 3 .  ? 10.474  -6.473  2.271   1.00 43.69  ? 257 HOH A O     1 
HETATM 727 O O     . HOH C 3 .  ? 3.122   -5.246  14.540  1.00 35.41  ? 258 HOH A O     1 
HETATM 728 O O     . HOH C 3 .  ? -2.351  -10.251 17.266  1.00 44.55  ? 259 HOH A O     1 
HETATM 729 O O     . HOH C 3 .  ? 4.767   1.085   1.293   1.00 31.97  ? 260 HOH A O     1 
HETATM 730 O O     . HOH C 3 .  ? 6.221   0.787   11.879  0.33 23.46  ? 261 HOH A O     1 
HETATM 731 O O     . HOH C 3 .  ? -10.220 8.483   -1.442  1.00 48.98  ? 262 HOH A O     1 
HETATM 732 O O     . HOH C 3 .  ? -3.865  -4.757  0.245   1.00 39.90  ? 263 HOH A O     1 
HETATM 733 O O     . HOH C 3 .  ? -0.021  7.119   -1.700  1.00 40.48  ? 264 HOH A O     1 
HETATM 734 O O     . HOH C 3 .  ? 5.307   4.244   7.162   1.00 46.77  ? 265 HOH A O     1 
HETATM 735 O O     . HOH C 3 .  ? 0.120   -16.870 -3.106  1.00 42.59  ? 266 HOH A O     1 
HETATM 736 O O     . HOH C 3 .  ? -2.403  -5.703  2.195   1.00 49.59  ? 267 HOH A O     1 
HETATM 737 O O     . HOH C 3 .  ? -0.730  0.376   0.693   1.00 52.03  ? 268 HOH A O     1 
HETATM 738 O O     . HOH C 3 .  ? 7.844   -15.844 23.509  0.33 40.30  ? 269 HOH A O     1 
HETATM 739 O O     . HOH C 3 .  ? -0.654  -19.460 -3.230  0.33 56.39  ? 270 HOH A O     1 
# 
loop_
_pdbx_poly_seq_scheme.asym_id 
_pdbx_poly_seq_scheme.entity_id 
_pdbx_poly_seq_scheme.seq_id 
_pdbx_poly_seq_scheme.mon_id 
_pdbx_poly_seq_scheme.ndb_seq_num 
_pdbx_poly_seq_scheme.pdb_seq_num 
_pdbx_poly_seq_scheme.auth_seq_num 
_pdbx_poly_seq_scheme.pdb_mon_id 
_pdbx_poly_seq_scheme.auth_mon_id 
_pdbx_poly_seq_scheme.pdb_strand_id 
_pdbx_poly_seq_scheme.pdb_ins_code 
_pdbx_poly_seq_scheme.hetero 
A 1 1  G 1  1  1  G G A . n 
A 1 2  G 2  2  2  G G A . n 
A 1 3  A 3  3  3  A A A . n 
A 1 4  G 4  4  4  G G A . n 
A 1 5  C 5  5  5  C C A . n 
A 1 6  G 6  6  6  G G A . n 
A 1 7  G 7  7  7  G G A . n 
A 1 8  G 8  8  8  G G A . n 
A 1 9  C 9  9  9  C C A . n 
A 1 10 G 10 10 10 G G A . n 
A 1 11 G 11 11 11 G G A . n 
A 1 12 G 12 12 12 G G A . n 
A 1 13 U 13 13 13 U U A . n 
A 1 14 U 14 14 14 U U A . n 
A 1 15 C 15 15 15 C C A . n 
A 1 16 G 16 16 16 G G A . n 
A 1 17 A 17 17 17 A A A . n 
A 1 18 G 18 18 18 G G A . n 
A 1 19 U 19 19 19 U U A . n 
A 1 20 C 20 20 20 C C A . n 
A 1 21 C 21 21 21 C C A . n 
A 1 22 C 22 22 22 C C A . n 
A 1 23 G 23 23 23 G G A . n 
A 1 24 U 24 24 24 U U A . n 
A 1 25 C 25 25 25 C C A . n 
A 1 26 C 26 26 26 C C A . n 
A 1 27 G 27 27 27 G G A . n 
A 1 28 U 28 28 28 U U A . n 
A 1 29 U 29 29 29 U U A . n 
A 1 30 C 30 30 30 C C A . n 
A 1 31 C 31 31 31 C C A . n 
# 
loop_
_pdbx_nonpoly_scheme.asym_id 
_pdbx_nonpoly_scheme.entity_id 
_pdbx_nonpoly_scheme.mon_id 
_pdbx_nonpoly_scheme.ndb_seq_num 
_pdbx_nonpoly_scheme.pdb_seq_num 
_pdbx_nonpoly_scheme.auth_seq_num 
_pdbx_nonpoly_scheme.pdb_mon_id 
_pdbx_nonpoly_scheme.auth_mon_id 
_pdbx_nonpoly_scheme.pdb_strand_id 
_pdbx_nonpoly_scheme.pdb_ins_code 
B 2 SO4 1  101 1  SO4 SO4 A . 
C 3 HOH 1  201 50 HOH HOH A . 
C 3 HOH 2  202 37 HOH HOH A . 
C 3 HOH 3  203 36 HOH HOH A . 
C 3 HOH 4  204 52 HOH HOH A . 
C 3 HOH 5  205 61 HOH HOH A . 
C 3 HOH 6  206 19 HOH HOH A . 
C 3 HOH 7  207 47 HOH HOH A . 
C 3 HOH 8  208 58 HOH HOH A . 
C 3 HOH 9  209 54 HOH HOH A . 
C 3 HOH 10 210 45 HOH HOH A . 
C 3 HOH 11 211 55 HOH HOH A . 
C 3 HOH 12 212 29 HOH HOH A . 
C 3 HOH 13 213 32 HOH HOH A . 
C 3 HOH 14 214 20 HOH HOH A . 
C 3 HOH 15 215 31 HOH HOH A . 
C 3 HOH 16 216 17 HOH HOH A . 
C 3 HOH 17 217 6  HOH HOH A . 
C 3 HOH 18 218 1  HOH HOH A . 
C 3 HOH 19 219 23 HOH HOH A . 
C 3 HOH 20 220 35 HOH HOH A . 
C 3 HOH 21 221 4  HOH HOH A . 
C 3 HOH 22 222 11 HOH HOH A . 
C 3 HOH 23 223 43 HOH HOH A . 
C 3 HOH 24 224 44 HOH HOH A . 
C 3 HOH 25 225 13 HOH HOH A . 
C 3 HOH 26 226 40 HOH HOH A . 
C 3 HOH 27 227 27 HOH HOH A . 
C 3 HOH 28 228 21 HOH HOH A . 
C 3 HOH 29 229 67 HOH HOH A . 
C 3 HOH 30 230 41 HOH HOH A . 
C 3 HOH 31 231 9  HOH HOH A . 
C 3 HOH 32 232 8  HOH HOH A . 
C 3 HOH 33 233 16 HOH HOH A . 
C 3 HOH 34 234 24 HOH HOH A . 
C 3 HOH 35 235 53 HOH HOH A . 
C 3 HOH 36 236 42 HOH HOH A . 
C 3 HOH 37 237 63 HOH HOH A . 
C 3 HOH 38 238 46 HOH HOH A . 
C 3 HOH 39 239 26 HOH HOH A . 
C 3 HOH 40 240 30 HOH HOH A . 
C 3 HOH 41 241 18 HOH HOH A . 
C 3 HOH 42 242 3  HOH HOH A . 
C 3 HOH 43 243 5  HOH HOH A . 
C 3 HOH 44 244 33 HOH HOH A . 
C 3 HOH 45 245 10 HOH HOH A . 
C 3 HOH 46 246 7  HOH HOH A . 
C 3 HOH 47 247 56 HOH HOH A . 
C 3 HOH 48 248 22 HOH HOH A . 
C 3 HOH 49 249 68 HOH HOH A . 
C 3 HOH 50 250 66 HOH HOH A . 
C 3 HOH 51 251 28 HOH HOH A . 
C 3 HOH 52 252 2  HOH HOH A . 
C 3 HOH 53 253 34 HOH HOH A . 
C 3 HOH 54 254 51 HOH HOH A . 
C 3 HOH 55 255 62 HOH HOH A . 
C 3 HOH 56 256 14 HOH HOH A . 
C 3 HOH 57 257 65 HOH HOH A . 
C 3 HOH 58 258 64 HOH HOH A . 
C 3 HOH 59 259 25 HOH HOH A . 
C 3 HOH 60 260 12 HOH HOH A . 
C 3 HOH 61 261 15 HOH HOH A . 
C 3 HOH 62 262 69 HOH HOH A . 
C 3 HOH 63 263 38 HOH HOH A . 
C 3 HOH 64 264 57 HOH HOH A . 
C 3 HOH 65 265 49 HOH HOH A . 
C 3 HOH 66 266 70 HOH HOH A . 
C 3 HOH 67 267 39 HOH HOH A . 
C 3 HOH 68 268 59 HOH HOH A . 
C 3 HOH 69 269 48 HOH HOH A . 
C 3 HOH 70 270 60 HOH HOH A . 
# 
_pdbx_struct_assembly.id                   1 
_pdbx_struct_assembly.details              author_defined_assembly 
_pdbx_struct_assembly.method_details       ? 
_pdbx_struct_assembly.oligomeric_details   monomeric 
_pdbx_struct_assembly.oligomeric_count     1 
# 
_pdbx_struct_assembly_gen.assembly_id       1 
_pdbx_struct_assembly_gen.oper_expression   1 
_pdbx_struct_assembly_gen.asym_id_list      A,B,C 
# 
loop_
_pdbx_struct_assembly_prop.biol_id 
_pdbx_struct_assembly_prop.type 
_pdbx_struct_assembly_prop.value 
_pdbx_struct_assembly_prop.details 
1 'ABSA (A^2)' 110  ? 
1 MORE         -7   ? 
1 'SSA (A^2)'  5860 ? 
# 
_pdbx_struct_oper_list.id                   1 
_pdbx_struct_oper_list.type                 'identity operation' 
_pdbx_struct_oper_list.name                 1_555 
_pdbx_struct_oper_list.symmetry_operation   x,y,z 
_pdbx_struct_oper_list.matrix[1][1]         1.0000000000 
_pdbx_struct_oper_list.matrix[1][2]         0.0000000000 
_pdbx_struct_oper_list.matrix[1][3]         0.0000000000 
_pdbx_struct_oper_list.vector[1]            0.0000000000 
_pdbx_struct_oper_list.matrix[2][1]         0.0000000000 
_pdbx_struct_oper_list.matrix[2][2]         1.0000000000 
_pdbx_struct_oper_list.matrix[2][3]         0.0000000000 
_pdbx_struct_oper_list.vector[2]            0.0000000000 
_pdbx_struct_oper_list.matrix[3][1]         0.0000000000 
_pdbx_struct_oper_list.matrix[3][2]         0.0000000000 
_pdbx_struct_oper_list.matrix[3][3]         1.0000000000 
_pdbx_struct_oper_list.vector[3]            0.0000000000 
# 
loop_
_pdbx_struct_special_symmetry.id 
_pdbx_struct_special_symmetry.PDB_model_num 
_pdbx_struct_special_symmetry.auth_asym_id 
_pdbx_struct_special_symmetry.auth_comp_id 
_pdbx_struct_special_symmetry.auth_seq_id 
_pdbx_struct_special_symmetry.PDB_ins_code 
_pdbx_struct_special_symmetry.label_asym_id 
_pdbx_struct_special_symmetry.label_comp_id 
_pdbx_struct_special_symmetry.label_seq_id 
1  1 A SO4 101 ? B SO4 . 
2  1 A SO4 101 ? B SO4 . 
3  1 A HOH 223 ? C HOH . 
4  1 A HOH 231 ? C HOH . 
5  1 A HOH 236 ? C HOH . 
6  1 A HOH 239 ? C HOH . 
7  1 A HOH 245 ? C HOH . 
8  1 A HOH 246 ? C HOH . 
9  1 A HOH 256 ? C HOH . 
10 1 A HOH 261 ? C HOH . 
11 1 A HOH 269 ? C HOH . 
12 1 A HOH 270 ? C HOH . 
# 
loop_
_pdbx_audit_revision_history.ordinal 
_pdbx_audit_revision_history.data_content_type 
_pdbx_audit_revision_history.major_revision 
_pdbx_audit_revision_history.minor_revision 
_pdbx_audit_revision_history.revision_date 
1 'Structure model' 1 0 2020-01-01 
2 'Structure model' 1 1 2020-03-04 
3 'Structure model' 1 2 2023-10-11 
# 
_pdbx_audit_revision_details.ordinal             1 
_pdbx_audit_revision_details.revision_ordinal    1 
_pdbx_audit_revision_details.data_content_type   'Structure model' 
_pdbx_audit_revision_details.provider            repository 
_pdbx_audit_revision_details.type                'Initial release' 
_pdbx_audit_revision_details.description         ? 
_pdbx_audit_revision_details.details             ? 
# 
loop_
_pdbx_audit_revision_group.ordinal 
_pdbx_audit_revision_group.revision_ordinal 
_pdbx_audit_revision_group.data_content_type 
_pdbx_audit_revision_group.group 
1 2 'Structure model' 'Database references'    
2 3 'Structure model' 'Data collection'        
3 3 'Structure model' 'Database references'    
4 3 'Structure model' 'Refinement description' 
# 
loop_
_pdbx_audit_revision_category.ordinal 
_pdbx_audit_revision_category.revision_ordinal 
_pdbx_audit_revision_category.data_content_type 
_pdbx_audit_revision_category.category 
1 2 'Structure model' citation                      
2 2 'Structure model' citation_author               
3 3 'Structure model' chem_comp_atom                
4 3 'Structure model' chem_comp_bond                
5 3 'Structure model' database_2                    
6 3 'Structure model' pdbx_initial_refinement_model 
# 
loop_
_pdbx_audit_revision_item.ordinal 
_pdbx_audit_revision_item.revision_ordinal 
_pdbx_audit_revision_item.data_content_type 
_pdbx_audit_revision_item.item 
1 2 'Structure model' '_citation.journal_volume'            
2 2 'Structure model' '_citation.page_first'                
3 2 'Structure model' '_citation.page_last'                 
4 2 'Structure model' '_citation.year'                      
5 2 'Structure model' '_citation_author.identifier_ORCID'   
6 3 'Structure model' '_database_2.pdbx_DOI'                
7 3 'Structure model' '_database_2.pdbx_database_accession' 
# 
loop_
_software.citation_id 
_software.classification 
_software.compiler_name 
_software.compiler_version 
_software.contact_author 
_software.contact_author_email 
_software.date 
_software.description 
_software.dependencies 
_software.hardware 
_software.language 
_software.location 
_software.mods 
_software.name 
_software.os 
_software.os_version 
_software.type 
_software.version 
_software.pdbx_ordinal 
? refinement        ? ? ? ? ? ? ? ? ? ? ? REFMAC      ? ? ? 5.8.0238 1 
? 'data extraction' ? ? ? ? ? ? ? ? ? ? ? PDB_EXTRACT ? ? ? 3.25     2 
? 'data reduction'  ? ? ? ? ? ? ? ? ? ? ? XDS         ? ? ? .        3 
? 'data scaling'    ? ? ? ? ? ? ? ? ? ? ? STARANISO   ? ? ? .        4 
? phasing           ? ? ? ? ? ? ? ? ? ? ? PHASER      ? ? ? .        5 
# 
_pdbx_entry_details.entry_id                 6UGI 
_pdbx_entry_details.has_ligand_of_interest   N 
_pdbx_entry_details.compound_details         ? 
_pdbx_entry_details.source_details           ? 
_pdbx_entry_details.nonpolymer_details       ? 
_pdbx_entry_details.sequence_details         ? 
# 
_pdbx_validate_symm_contact.id                1 
_pdbx_validate_symm_contact.PDB_model_num     1 
_pdbx_validate_symm_contact.auth_atom_id_1    "O4'" 
_pdbx_validate_symm_contact.auth_asym_id_1    A 
_pdbx_validate_symm_contact.auth_comp_id_1    C 
_pdbx_validate_symm_contact.auth_seq_id_1     15 
_pdbx_validate_symm_contact.PDB_ins_code_1    ? 
_pdbx_validate_symm_contact.label_alt_id_1    ? 
_pdbx_validate_symm_contact.site_symmetry_1   1_555 
_pdbx_validate_symm_contact.auth_atom_id_2    "O4'" 
_pdbx_validate_symm_contact.auth_asym_id_2    A 
_pdbx_validate_symm_contact.auth_comp_id_2    C 
_pdbx_validate_symm_contact.auth_seq_id_2     15 
_pdbx_validate_symm_contact.PDB_ins_code_2    ? 
_pdbx_validate_symm_contact.label_alt_id_2    ? 
_pdbx_validate_symm_contact.site_symmetry_2   6_555 
_pdbx_validate_symm_contact.dist              1.94 
# 
_pdbx_validate_rmsd_bond.id                        1 
_pdbx_validate_rmsd_bond.PDB_model_num             1 
_pdbx_validate_rmsd_bond.auth_atom_id_1            P 
_pdbx_validate_rmsd_bond.auth_asym_id_1            A 
_pdbx_validate_rmsd_bond.auth_comp_id_1            G 
_pdbx_validate_rmsd_bond.auth_seq_id_1             1 
_pdbx_validate_rmsd_bond.PDB_ins_code_1            ? 
_pdbx_validate_rmsd_bond.label_alt_id_1            ? 
_pdbx_validate_rmsd_bond.auth_atom_id_2            OP3 
_pdbx_validate_rmsd_bond.auth_asym_id_2            A 
_pdbx_validate_rmsd_bond.auth_comp_id_2            G 
_pdbx_validate_rmsd_bond.auth_seq_id_2             1 
_pdbx_validate_rmsd_bond.PDB_ins_code_2            ? 
_pdbx_validate_rmsd_bond.label_alt_id_2            ? 
_pdbx_validate_rmsd_bond.bond_value                1.480 
_pdbx_validate_rmsd_bond.bond_target_value         1.607 
_pdbx_validate_rmsd_bond.bond_deviation            -0.127 
_pdbx_validate_rmsd_bond.bond_standard_deviation   0.012 
_pdbx_validate_rmsd_bond.linker_flag               N 
# 
loop_
_pdbx_validate_rmsd_angle.id 
_pdbx_validate_rmsd_angle.PDB_model_num 
_pdbx_validate_rmsd_angle.auth_atom_id_1 
_pdbx_validate_rmsd_angle.auth_asym_id_1 
_pdbx_validate_rmsd_angle.auth_comp_id_1 
_pdbx_validate_rmsd_angle.auth_seq_id_1 
_pdbx_validate_rmsd_angle.PDB_ins_code_1 
_pdbx_validate_rmsd_angle.label_alt_id_1 
_pdbx_validate_rmsd_angle.auth_atom_id_2 
_pdbx_validate_rmsd_angle.auth_asym_id_2 
_pdbx_validate_rmsd_angle.auth_comp_id_2 
_pdbx_validate_rmsd_angle.auth_seq_id_2 
_pdbx_validate_rmsd_angle.PDB_ins_code_2 
_pdbx_validate_rmsd_angle.label_alt_id_2 
_pdbx_validate_rmsd_angle.auth_atom_id_3 
_pdbx_validate_rmsd_angle.auth_asym_id_3 
_pdbx_validate_rmsd_angle.auth_comp_id_3 
_pdbx_validate_rmsd_angle.auth_seq_id_3 
_pdbx_validate_rmsd_angle.PDB_ins_code_3 
_pdbx_validate_rmsd_angle.label_alt_id_3 
_pdbx_validate_rmsd_angle.angle_value 
_pdbx_validate_rmsd_angle.angle_target_value 
_pdbx_validate_rmsd_angle.angle_deviation 
_pdbx_validate_rmsd_angle.angle_standard_deviation 
_pdbx_validate_rmsd_angle.linker_flag 
1 1 "O5'" A G 4  ? ? P A G 4  ? ? OP1 A G 4  ? ? 121.49 110.70 10.79  1.20 N 
2 1 "O5'" A G 4  ? ? P A G 4  ? ? OP2 A G 4  ? ? 95.48  105.70 -10.22 0.90 N 
3 1 "O5'" A G 7  ? ? P A G 7  ? ? OP2 A G 7  ? ? 99.44  105.70 -6.26  0.90 N 
4 1 "O5'" A G 11 ? ? P A G 11 ? ? OP2 A G 11 ? ? 98.21  105.70 -7.49  0.90 N 
5 1 "O5'" A G 12 ? ? P A G 12 ? ? OP2 A G 12 ? ? 99.32  105.70 -6.38  0.90 N 
6 1 "O5'" A C 20 ? ? P A C 20 ? ? OP2 A C 20 ? ? 99.35  105.70 -6.35  0.90 N 
7 1 "O5'" A C 25 ? ? P A C 25 ? ? OP2 A C 25 ? ? 99.20  105.70 -6.50  0.90 N 
# 
loop_
_chem_comp_atom.comp_id 
_chem_comp_atom.atom_id 
_chem_comp_atom.type_symbol 
_chem_comp_atom.pdbx_aromatic_flag 
_chem_comp_atom.pdbx_stereo_config 
_chem_comp_atom.pdbx_ordinal 
A   OP3    O N N 1   
A   P      P N N 2   
A   OP1    O N N 3   
A   OP2    O N N 4   
A   "O5'"  O N N 5   
A   "C5'"  C N N 6   
A   "C4'"  C N R 7   
A   "O4'"  O N N 8   
A   "C3'"  C N S 9   
A   "O3'"  O N N 10  
A   "C2'"  C N R 11  
A   "O2'"  O N N 12  
A   "C1'"  C N R 13  
A   N9     N Y N 14  
A   C8     C Y N 15  
A   N7     N Y N 16  
A   C5     C Y N 17  
A   C6     C Y N 18  
A   N6     N N N 19  
A   N1     N Y N 20  
A   C2     C Y N 21  
A   N3     N Y N 22  
A   C4     C Y N 23  
A   HOP3   H N N 24  
A   HOP2   H N N 25  
A   "H5'"  H N N 26  
A   "H5''" H N N 27  
A   "H4'"  H N N 28  
A   "H3'"  H N N 29  
A   "HO3'" H N N 30  
A   "H2'"  H N N 31  
A   "HO2'" H N N 32  
A   "H1'"  H N N 33  
A   H8     H N N 34  
A   H61    H N N 35  
A   H62    H N N 36  
A   H2     H N N 37  
C   OP3    O N N 38  
C   P      P N N 39  
C   OP1    O N N 40  
C   OP2    O N N 41  
C   "O5'"  O N N 42  
C   "C5'"  C N N 43  
C   "C4'"  C N R 44  
C   "O4'"  O N N 45  
C   "C3'"  C N S 46  
C   "O3'"  O N N 47  
C   "C2'"  C N R 48  
C   "O2'"  O N N 49  
C   "C1'"  C N R 50  
C   N1     N N N 51  
C   C2     C N N 52  
C   O2     O N N 53  
C   N3     N N N 54  
C   C4     C N N 55  
C   N4     N N N 56  
C   C5     C N N 57  
C   C6     C N N 58  
C   HOP3   H N N 59  
C   HOP2   H N N 60  
C   "H5'"  H N N 61  
C   "H5''" H N N 62  
C   "H4'"  H N N 63  
C   "H3'"  H N N 64  
C   "HO3'" H N N 65  
C   "H2'"  H N N 66  
C   "HO2'" H N N 67  
C   "H1'"  H N N 68  
C   H41    H N N 69  
C   H42    H N N 70  
C   H5     H N N 71  
C   H6     H N N 72  
G   OP3    O N N 73  
G   P      P N N 74  
G   OP1    O N N 75  
G   OP2    O N N 76  
G   "O5'"  O N N 77  
G   "C5'"  C N N 78  
G   "C4'"  C N R 79  
G   "O4'"  O N N 80  
G   "C3'"  C N S 81  
G   "O3'"  O N N 82  
G   "C2'"  C N R 83  
G   "O2'"  O N N 84  
G   "C1'"  C N R 85  
G   N9     N Y N 86  
G   C8     C Y N 87  
G   N7     N Y N 88  
G   C5     C Y N 89  
G   C6     C N N 90  
G   O6     O N N 91  
G   N1     N N N 92  
G   C2     C N N 93  
G   N2     N N N 94  
G   N3     N N N 95  
G   C4     C Y N 96  
G   HOP3   H N N 97  
G   HOP2   H N N 98  
G   "H5'"  H N N 99  
G   "H5''" H N N 100 
G   "H4'"  H N N 101 
G   "H3'"  H N N 102 
G   "HO3'" H N N 103 
G   "H2'"  H N N 104 
G   "HO2'" H N N 105 
G   "H1'"  H N N 106 
G   H8     H N N 107 
G   H1     H N N 108 
G   H21    H N N 109 
G   H22    H N N 110 
HOH O      O N N 111 
HOH H1     H N N 112 
HOH H2     H N N 113 
SO4 S      S N N 114 
SO4 O1     O N N 115 
SO4 O2     O N N 116 
SO4 O3     O N N 117 
SO4 O4     O N N 118 
U   OP3    O N N 119 
U   P      P N N 120 
U   OP1    O N N 121 
U   OP2    O N N 122 
U   "O5'"  O N N 123 
U   "C5'"  C N N 124 
U   "C4'"  C N R 125 
U   "O4'"  O N N 126 
U   "C3'"  C N S 127 
U   "O3'"  O N N 128 
U   "C2'"  C N R 129 
U   "O2'"  O N N 130 
U   "C1'"  C N R 131 
U   N1     N N N 132 
U   C2     C N N 133 
U   O2     O N N 134 
U   N3     N N N 135 
U   C4     C N N 136 
U   O4     O N N 137 
U   C5     C N N 138 
U   C6     C N N 139 
U   HOP3   H N N 140 
U   HOP2   H N N 141 
U   "H5'"  H N N 142 
U   "H5''" H N N 143 
U   "H4'"  H N N 144 
U   "H3'"  H N N 145 
U   "HO3'" H N N 146 
U   "H2'"  H N N 147 
U   "HO2'" H N N 148 
U   "H1'"  H N N 149 
U   H3     H N N 150 
U   H5     H N N 151 
U   H6     H N N 152 
# 
loop_
_chem_comp_bond.comp_id 
_chem_comp_bond.atom_id_1 
_chem_comp_bond.atom_id_2 
_chem_comp_bond.value_order 
_chem_comp_bond.pdbx_aromatic_flag 
_chem_comp_bond.pdbx_stereo_config 
_chem_comp_bond.pdbx_ordinal 
A   OP3   P      sing N N 1   
A   OP3   HOP3   sing N N 2   
A   P     OP1    doub N N 3   
A   P     OP2    sing N N 4   
A   P     "O5'"  sing N N 5   
A   OP2   HOP2   sing N N 6   
A   "O5'" "C5'"  sing N N 7   
A   "C5'" "C4'"  sing N N 8   
A   "C5'" "H5'"  sing N N 9   
A   "C5'" "H5''" sing N N 10  
A   "C4'" "O4'"  sing N N 11  
A   "C4'" "C3'"  sing N N 12  
A   "C4'" "H4'"  sing N N 13  
A   "O4'" "C1'"  sing N N 14  
A   "C3'" "O3'"  sing N N 15  
A   "C3'" "C2'"  sing N N 16  
A   "C3'" "H3'"  sing N N 17  
A   "O3'" "HO3'" sing N N 18  
A   "C2'" "O2'"  sing N N 19  
A   "C2'" "C1'"  sing N N 20  
A   "C2'" "H2'"  sing N N 21  
A   "O2'" "HO2'" sing N N 22  
A   "C1'" N9     sing N N 23  
A   "C1'" "H1'"  sing N N 24  
A   N9    C8     sing Y N 25  
A   N9    C4     sing Y N 26  
A   C8    N7     doub Y N 27  
A   C8    H8     sing N N 28  
A   N7    C5     sing Y N 29  
A   C5    C6     sing Y N 30  
A   C5    C4     doub Y N 31  
A   C6    N6     sing N N 32  
A   C6    N1     doub Y N 33  
A   N6    H61    sing N N 34  
A   N6    H62    sing N N 35  
A   N1    C2     sing Y N 36  
A   C2    N3     doub Y N 37  
A   C2    H2     sing N N 38  
A   N3    C4     sing Y N 39  
C   OP3   P      sing N N 40  
C   OP3   HOP3   sing N N 41  
C   P     OP1    doub N N 42  
C   P     OP2    sing N N 43  
C   P     "O5'"  sing N N 44  
C   OP2   HOP2   sing N N 45  
C   "O5'" "C5'"  sing N N 46  
C   "C5'" "C4'"  sing N N 47  
C   "C5'" "H5'"  sing N N 48  
C   "C5'" "H5''" sing N N 49  
C   "C4'" "O4'"  sing N N 50  
C   "C4'" "C3'"  sing N N 51  
C   "C4'" "H4'"  sing N N 52  
C   "O4'" "C1'"  sing N N 53  
C   "C3'" "O3'"  sing N N 54  
C   "C3'" "C2'"  sing N N 55  
C   "C3'" "H3'"  sing N N 56  
C   "O3'" "HO3'" sing N N 57  
C   "C2'" "O2'"  sing N N 58  
C   "C2'" "C1'"  sing N N 59  
C   "C2'" "H2'"  sing N N 60  
C   "O2'" "HO2'" sing N N 61  
C   "C1'" N1     sing N N 62  
C   "C1'" "H1'"  sing N N 63  
C   N1    C2     sing N N 64  
C   N1    C6     sing N N 65  
C   C2    O2     doub N N 66  
C   C2    N3     sing N N 67  
C   N3    C4     doub N N 68  
C   C4    N4     sing N N 69  
C   C4    C5     sing N N 70  
C   N4    H41    sing N N 71  
C   N4    H42    sing N N 72  
C   C5    C6     doub N N 73  
C   C5    H5     sing N N 74  
C   C6    H6     sing N N 75  
G   OP3   P      sing N N 76  
G   OP3   HOP3   sing N N 77  
G   P     OP1    doub N N 78  
G   P     OP2    sing N N 79  
G   P     "O5'"  sing N N 80  
G   OP2   HOP2   sing N N 81  
G   "O5'" "C5'"  sing N N 82  
G   "C5'" "C4'"  sing N N 83  
G   "C5'" "H5'"  sing N N 84  
G   "C5'" "H5''" sing N N 85  
G   "C4'" "O4'"  sing N N 86  
G   "C4'" "C3'"  sing N N 87  
G   "C4'" "H4'"  sing N N 88  
G   "O4'" "C1'"  sing N N 89  
G   "C3'" "O3'"  sing N N 90  
G   "C3'" "C2'"  sing N N 91  
G   "C3'" "H3'"  sing N N 92  
G   "O3'" "HO3'" sing N N 93  
G   "C2'" "O2'"  sing N N 94  
G   "C2'" "C1'"  sing N N 95  
G   "C2'" "H2'"  sing N N 96  
G   "O2'" "HO2'" sing N N 97  
G   "C1'" N9     sing N N 98  
G   "C1'" "H1'"  sing N N 99  
G   N9    C8     sing Y N 100 
G   N9    C4     sing Y N 101 
G   C8    N7     doub Y N 102 
G   C8    H8     sing N N 103 
G   N7    C5     sing Y N 104 
G   C5    C6     sing N N 105 
G   C5    C4     doub Y N 106 
G   C6    O6     doub N N 107 
G   C6    N1     sing N N 108 
G   N1    C2     sing N N 109 
G   N1    H1     sing N N 110 
G   C2    N2     sing N N 111 
G   C2    N3     doub N N 112 
G   N2    H21    sing N N 113 
G   N2    H22    sing N N 114 
G   N3    C4     sing N N 115 
HOH O     H1     sing N N 116 
HOH O     H2     sing N N 117 
SO4 S     O1     doub N N 118 
SO4 S     O2     doub N N 119 
SO4 S     O3     sing N N 120 
SO4 S     O4     sing N N 121 
U   OP3   P      sing N N 122 
U   OP3   HOP3   sing N N 123 
U   P     OP1    doub N N 124 
U   P     OP2    sing N N 125 
U   P     "O5'"  sing N N 126 
U   OP2   HOP2   sing N N 127 
U   "O5'" "C5'"  sing N N 128 
U   "C5'" "C4'"  sing N N 129 
U   "C5'" "H5'"  sing N N 130 
U   "C5'" "H5''" sing N N 131 
U   "C4'" "O4'"  sing N N 132 
U   "C4'" "C3'"  sing N N 133 
U   "C4'" "H4'"  sing N N 134 
U   "O4'" "C1'"  sing N N 135 
U   "C3'" "O3'"  sing N N 136 
U   "C3'" "C2'"  sing N N 137 
U   "C3'" "H3'"  sing N N 138 
U   "O3'" "HO3'" sing N N 139 
U   "C2'" "O2'"  sing N N 140 
U   "C2'" "C1'"  sing N N 141 
U   "C2'" "H2'"  sing N N 142 
U   "O2'" "HO2'" sing N N 143 
U   "C1'" N1     sing N N 144 
U   "C1'" "H1'"  sing N N 145 
U   N1    C2     sing N N 146 
U   N1    C6     sing N N 147 
U   C2    O2     doub N N 148 
U   C2    N3     sing N N 149 
U   N3    C4     sing N N 150 
U   N3    H3     sing N N 151 
U   C4    O4     doub N N 152 
U   C4    C5     sing N N 153 
U   C5    C6     doub N N 154 
U   C5    H5     sing N N 155 
U   C6    H6     sing N N 156 
# 
loop_
_ndb_struct_conf_na.entry_id 
_ndb_struct_conf_na.feature 
6UGI 'double helix'         
6UGI 'a-form double helix'  
6UGI 'hairpin loop'         
6UGI 'mismatched base pair' 
# 
loop_
_ndb_struct_na_base_pair.model_number 
_ndb_struct_na_base_pair.i_label_asym_id 
_ndb_struct_na_base_pair.i_label_comp_id 
_ndb_struct_na_base_pair.i_label_seq_id 
_ndb_struct_na_base_pair.i_symmetry 
_ndb_struct_na_base_pair.j_label_asym_id 
_ndb_struct_na_base_pair.j_label_comp_id 
_ndb_struct_na_base_pair.j_label_seq_id 
_ndb_struct_na_base_pair.j_symmetry 
_ndb_struct_na_base_pair.shear 
_ndb_struct_na_base_pair.stretch 
_ndb_struct_na_base_pair.stagger 
_ndb_struct_na_base_pair.buckle 
_ndb_struct_na_base_pair.propeller 
_ndb_struct_na_base_pair.opening 
_ndb_struct_na_base_pair.pair_number 
_ndb_struct_na_base_pair.pair_name 
_ndb_struct_na_base_pair.i_auth_asym_id 
_ndb_struct_na_base_pair.i_auth_seq_id 
_ndb_struct_na_base_pair.i_PDB_ins_code 
_ndb_struct_na_base_pair.j_auth_asym_id 
_ndb_struct_na_base_pair.j_auth_seq_id 
_ndb_struct_na_base_pair.j_PDB_ins_code 
_ndb_struct_na_base_pair.hbond_type_28 
_ndb_struct_na_base_pair.hbond_type_12 
1 A G 1  1_555 A C 31 1_555 -0.309 -0.103 -0.255 -11.581 -2.040  2.956   1  A_G1:C31_A  A 1  ? A 31 ? 19 1 
1 A G 2  1_555 A C 30 1_555 -0.537 -0.156 -0.171 -8.697  -8.429  -0.161  2  A_G2:C30_A  A 2  ? A 30 ? 19 1 
1 A A 3  1_555 A U 29 1_555 0.184  -0.225 -0.003 -6.972  -6.742  2.335   3  A_A3:U29_A  A 3  ? A 29 ? 20 1 
1 A G 4  1_555 A U 28 1_555 -2.300 -0.646 -0.040 -4.478  -13.703 -3.829  4  A_G4:U28_A  A 4  ? A 28 ? 28 1 
1 A C 5  1_555 A G 27 1_555 0.264  -0.134 0.144  -0.377  -9.644  -0.979  5  A_C5:G27_A  A 5  ? A 27 ? 19 1 
1 A G 6  1_555 A C 26 1_555 -0.357 -0.230 -0.086 -3.583  -5.554  -1.929  6  A_G6:C26_A  A 6  ? A 26 ? 19 1 
1 A G 7  1_555 A C 25 1_555 -0.007 -0.187 0.009  -5.150  -13.602 3.098   7  A_G7:C25_A  A 7  ? A 25 ? 19 1 
1 A G 8  1_555 A U 24 1_555 -2.284 -0.620 -0.083 -3.393  -9.623  0.303   8  A_G8:U24_A  A 8  ? A 24 ? 28 1 
1 A C 9  1_555 A G 23 1_555 0.267  -0.105 0.140  -2.201  -11.271 -1.619  9  A_C9:G23_A  A 9  ? A 23 ? 19 1 
1 A G 10 1_555 A C 22 1_555 -0.046 -0.073 0.055  -4.293  -6.795  2.566   10 A_G10:C22_A A 10 ? A 22 ? 19 1 
1 A G 11 1_555 A C 21 1_555 -0.114 -0.176 0.085  -3.664  -9.884  -2.132  11 A_G11:C21_A A 11 ? A 21 ? 19 1 
1 A G 12 1_555 A C 20 1_555 -0.307 0.015  -0.108 -11.050 -10.980 0.734   12 A_G12:C20_A A 12 ? A 20 ? 19 1 
1 A U 13 1_555 A A 17 1_555 4.304  -2.311 0.243  -3.388  3.482   -96.801 13 A_U13:A17_A A 13 ? A 17 ? 24 4 
# 
loop_
_ndb_struct_na_base_pair_step.model_number 
_ndb_struct_na_base_pair_step.i_label_asym_id_1 
_ndb_struct_na_base_pair_step.i_label_comp_id_1 
_ndb_struct_na_base_pair_step.i_label_seq_id_1 
_ndb_struct_na_base_pair_step.i_symmetry_1 
_ndb_struct_na_base_pair_step.j_label_asym_id_1 
_ndb_struct_na_base_pair_step.j_label_comp_id_1 
_ndb_struct_na_base_pair_step.j_label_seq_id_1 
_ndb_struct_na_base_pair_step.j_symmetry_1 
_ndb_struct_na_base_pair_step.i_label_asym_id_2 
_ndb_struct_na_base_pair_step.i_label_comp_id_2 
_ndb_struct_na_base_pair_step.i_label_seq_id_2 
_ndb_struct_na_base_pair_step.i_symmetry_2 
_ndb_struct_na_base_pair_step.j_label_asym_id_2 
_ndb_struct_na_base_pair_step.j_label_comp_id_2 
_ndb_struct_na_base_pair_step.j_label_seq_id_2 
_ndb_struct_na_base_pair_step.j_symmetry_2 
_ndb_struct_na_base_pair_step.shift 
_ndb_struct_na_base_pair_step.slide 
_ndb_struct_na_base_pair_step.rise 
_ndb_struct_na_base_pair_step.tilt 
_ndb_struct_na_base_pair_step.roll 
_ndb_struct_na_base_pair_step.twist 
_ndb_struct_na_base_pair_step.x_displacement 
_ndb_struct_na_base_pair_step.y_displacement 
_ndb_struct_na_base_pair_step.helical_rise 
_ndb_struct_na_base_pair_step.inclination 
_ndb_struct_na_base_pair_step.tip 
_ndb_struct_na_base_pair_step.helical_twist 
_ndb_struct_na_base_pair_step.step_number 
_ndb_struct_na_base_pair_step.step_name 
_ndb_struct_na_base_pair_step.i_auth_asym_id_1 
_ndb_struct_na_base_pair_step.i_auth_seq_id_1 
_ndb_struct_na_base_pair_step.i_PDB_ins_code_1 
_ndb_struct_na_base_pair_step.j_auth_asym_id_1 
_ndb_struct_na_base_pair_step.j_auth_seq_id_1 
_ndb_struct_na_base_pair_step.j_PDB_ins_code_1 
_ndb_struct_na_base_pair_step.i_auth_asym_id_2 
_ndb_struct_na_base_pair_step.i_auth_seq_id_2 
_ndb_struct_na_base_pair_step.i_PDB_ins_code_2 
_ndb_struct_na_base_pair_step.j_auth_asym_id_2 
_ndb_struct_na_base_pair_step.j_auth_seq_id_2 
_ndb_struct_na_base_pair_step.j_PDB_ins_code_2 
1 A G 1  1_555 A C 31 1_555 A G 2  1_555 A C 30 1_555 -0.373 -2.171 3.345 -0.160 2.014  26.524 -5.246 0.769  3.177 4.381  0.348  
26.599 1  AA_G1G2:C30C31_AA   A 1  ? A 31 ? A 2  ? A 30 ? 
1 A G 2  1_555 A C 30 1_555 A A 3  1_555 A U 29 1_555 0.158  -1.770 3.201 -0.650 6.442  33.983 -3.902 -0.359 2.825 10.899 1.099  
34.577 2  AA_G2A3:U29C30_AA   A 2  ? A 30 ? A 3  ? A 29 ? 
1 A A 3  1_555 A U 29 1_555 A G 4  1_555 A U 28 1_555 0.468  -2.256 3.060 0.991  10.855 18.923 -9.187 -0.942 1.567 30.005 -2.741 
21.813 3  AA_A3G4:U28U29_AA   A 3  ? A 29 ? A 4  ? A 28 ? 
1 A G 4  1_555 A U 28 1_555 A C 5  1_555 A G 27 1_555 0.005  -1.503 3.246 -0.629 1.589  42.183 -2.248 -0.071 3.189 2.206  0.873  
42.216 4  AA_G4C5:G27U28_AA   A 4  ? A 28 ? A 5  ? A 27 ? 
1 A C 5  1_555 A G 27 1_555 A G 6  1_555 A C 26 1_555 0.121  -1.907 3.301 1.834  5.193  28.027 -4.999 0.155  2.909 10.593 -3.741 
28.553 5  AA_C5G6:C26G27_AA   A 5  ? A 27 ? A 6  ? A 26 ? 
1 A G 6  1_555 A C 26 1_555 A G 7  1_555 A C 25 1_555 0.684  -1.754 3.302 0.352  7.364  31.274 -4.427 -1.176 2.834 13.427 -0.642 
32.110 6  AA_G6G7:C25C26_AA   A 6  ? A 26 ? A 7  ? A 25 ? 
1 A G 7  1_555 A C 25 1_555 A G 8  1_555 A U 24 1_555 -0.496 -2.038 2.974 -4.308 8.924  24.860 -6.304 0.158  2.178 19.756 9.536  
26.733 7  AA_G7G8:U24C25_AA   A 7  ? A 25 ? A 8  ? A 24 ? 
1 A G 8  1_555 A U 24 1_555 A C 9  1_555 A G 23 1_555 -0.036 -1.679 3.262 -1.661 5.075  38.616 -3.110 -0.140 3.024 7.629  2.497  
38.969 8  AA_G8C9:G23U24_AA   A 8  ? A 24 ? A 9  ? A 23 ? 
1 A C 9  1_555 A G 23 1_555 A G 10 1_555 A C 22 1_555 0.778  -2.059 3.207 2.766  7.883  28.035 -5.634 -0.996 2.607 15.832 -5.555 
29.229 9  AA_C9G10:C22G23_AA  A 9  ? A 23 ? A 10 ? A 22 ? 
1 A G 10 1_555 A C 22 1_555 A G 11 1_555 A C 21 1_555 -0.024 -2.136 3.209 1.126  3.917  30.482 -4.750 0.252  2.916 7.408  -2.130 
30.747 10 AA_G10G11:C21C22_AA A 10 ? A 22 ? A 11 ? A 21 ? 
1 A G 11 1_555 A C 21 1_555 A G 12 1_555 A C 20 1_555 0.807  -2.319 3.299 4.997  7.151  30.302 -5.537 -0.601 2.786 13.337 -9.320 
31.504 11 AA_G11G12:C20C21_AA A 11 ? A 21 ? A 12 ? A 20 ? 
1 A G 12 1_555 A C 20 1_555 A U 13 1_555 A A 17 1_555 -1.815 -2.606 3.176 -0.405 2.925  88.751 -1.921 1.289  3.113 2.091  0.289  
88.790 12 AA_G12U13:A17C20_AA A 12 ? A 20 ? A 13 ? A 17 ? 
# 
loop_
_pdbx_audit_support.funding_organization 
_pdbx_audit_support.country 
_pdbx_audit_support.grant_number 
_pdbx_audit_support.ordinal 
'National Institutes of Health/National Human Genome Research Institute (NIH/NHGRI)' 'United States' 'R01 GM058443' 1 
'National Institutes of Health/National Human Genome Research Institute (NIH/NHGRI)' 'United States' 'R35 GM118108' 2 
'National Institutes of Health/National Human Genome Research Institute (NIH/NHGRI)' 'United States' 'T32 GM008152' 3 
'National Institutes of Health/National Human Genome Research Institute (NIH/NHGRI)' 'United States' 'T32 GM008382' 4 
# 
loop_
_pdbx_entity_nonpoly.entity_id 
_pdbx_entity_nonpoly.name 
_pdbx_entity_nonpoly.comp_id 
2 'SULFATE ION' SO4 
3 water         HOH 
# 
_pdbx_initial_refinement_model.id               1 
_pdbx_initial_refinement_model.entity_id_list   ? 
_pdbx_initial_refinement_model.type             'experimental model' 
_pdbx_initial_refinement_model.source_name      PDB 
_pdbx_initial_refinement_model.accession_code   6UGJ 
_pdbx_initial_refinement_model.details          'PDB entry 6UGJ' 
# 
_pdbx_struct_assembly_auth_evidence.id                     1 
_pdbx_struct_assembly_auth_evidence.assembly_id            1 
_pdbx_struct_assembly_auth_evidence.experimental_support   none 
_pdbx_struct_assembly_auth_evidence.details                ? 
# 
